data_8T8R
#
_entry.id   8T8R
#
_cell.length_a   161.945
_cell.length_b   78.618
_cell.length_c   111.200
_cell.angle_alpha   90.00
_cell.angle_beta   126.80
_cell.angle_gamma   90.00
#
_symmetry.space_group_name_H-M   'C 1 2 1'
#
loop_
_entity.id
_entity.type
_entity.pdbx_description
1 polymer Sortilin
2 polymer 'Paragranulin peptide'
3 branched beta-D-mannopyranose-(1-4)-2-acetamido-2-deoxy-beta-D-glucopyranose-(1-4)-2-acetamido-2-deoxy-beta-D-glucopyranose
4 non-polymer 2-acetamido-2-deoxy-beta-D-glucopyranose
#
loop_
_entity_poly.entity_id
_entity_poly.type
_entity_poly.pdbx_seq_one_letter_code
_entity_poly.pdbx_strand_id
1 'polypeptide(L)'
;APGEDEECGRVRDFVAKLANNTHQHVFDDLRGSVSLSWVGDSTGVILVLTTFHVPLVIMTFGQSKLYRSEDYGKNFKDIT
DLINNTFIRTEFGMAIGPENSGKVVLTAEVSGGSRGGRIFRSSDFAKNFVQTDLPFHPLTQMMYSPQNSDYLLALSTENG
LWVSKNFGGKWEEIHKAVCLAKWGSDNTIFFTTYANGSCKADLGALELWRTSDLGKSFKTIGVKIYSFGLGGRFLFASVM
ADKDTTRRIHVSTDQGDTWSMAQLPSVGQEQFYSILAANDDMVFMHVDEPGDTGFGTIFTSDDRGIVYSKSLDRHLYTTT
GGETDFTNVTSLRGVYITSVLSEDNSIQTMITFDQGGRWTHLRKPENSECDATAKNKNECSLHIHASYSISQKLNVPMAP
LSEPNAVGIVIAHGSVGDAISVMVPDVYISDDGGYSWTKMLEGPHYYTILDSGGIIVAIEHSSRPINVIKFSTDEGQCWQ
TYTFTRDPIYFTGLASEPGARSMNISIWGFTESFLTSQWVSYTIDFKDILERNCEEKDYTIWLAHSTDPEDYEDGCILGY
KEQFLRLRKSSVCQNGRDYVVTKQPSICLCSLEDFLCDFGYYRPENDSKCVEQPELKGHDLEFCLYGREEHLTTNGYRKI
PGDKCQGGVNPVREVKDLKKKCTSNFLSPEKQNSKSNS
;
A
2 'polypeptide(L)' PRWDAPLRDPALRPIL B
#
# COMPACT_ATOMS: atom_id res chain seq x y z
N CYS A 8 0.32 25.71 -26.23
CA CYS A 8 1.08 25.06 -25.11
C CYS A 8 2.35 25.84 -24.77
N GLY A 9 2.85 25.65 -23.53
CA GLY A 9 4.12 26.22 -23.10
C GLY A 9 4.04 27.72 -22.84
N ARG A 10 3.05 28.13 -22.06
CA ARG A 10 2.72 29.55 -21.87
C ARG A 10 3.53 30.22 -20.76
N VAL A 11 4.09 29.43 -19.81
CA VAL A 11 4.84 29.95 -18.68
C VAL A 11 6.23 30.39 -19.16
N ARG A 12 6.59 31.66 -18.86
CA ARG A 12 7.88 32.24 -19.21
C ARG A 12 8.42 33.09 -18.04
N ASP A 13 9.69 33.52 -18.17
CA ASP A 13 10.45 34.19 -17.12
C ASP A 13 10.58 33.27 -15.91
N PHE A 14 11.08 32.05 -16.17
CA PHE A 14 11.09 30.95 -15.20
C PHE A 14 12.49 30.55 -14.71
N VAL A 15 13.56 31.03 -15.38
CA VAL A 15 14.92 30.56 -15.13
C VAL A 15 15.44 31.16 -13.82
N ALA A 16 15.27 32.49 -13.66
CA ALA A 16 15.64 33.22 -12.45
C ALA A 16 14.82 32.78 -11.23
N LYS A 17 13.58 32.32 -11.46
CA LYS A 17 12.69 31.87 -10.39
C LYS A 17 13.19 30.60 -9.70
N LEU A 18 13.76 29.64 -10.48
CA LEU A 18 14.28 28.38 -9.94
C LEU A 18 15.76 28.43 -9.54
N ALA A 19 16.55 29.35 -10.14
CA ALA A 19 18.01 29.38 -10.00
C ALA A 19 18.45 29.63 -8.55
N ASN A 20 17.97 30.72 -7.93
CA ASN A 20 18.33 31.07 -6.55
C ASN A 20 17.69 30.15 -5.51
N ASN A 21 16.65 29.38 -5.89
CA ASN A 21 16.00 28.38 -5.04
C ASN A 21 16.60 26.97 -5.18
N THR A 22 17.43 26.71 -6.21
CA THR A 22 18.19 25.47 -6.33
C THR A 22 19.32 25.46 -5.29
N HIS A 23 19.46 24.35 -4.54
CA HIS A 23 20.33 24.24 -3.38
C HIS A 23 21.10 22.91 -3.35
N GLN A 24 22.38 22.95 -3.77
CA GLN A 24 23.25 21.80 -3.84
C GLN A 24 23.79 21.44 -2.44
N HIS A 25 24.08 20.14 -2.24
CA HIS A 25 24.85 19.69 -1.09
C HIS A 25 25.48 18.31 -1.35
N VAL A 26 26.80 18.22 -1.12
CA VAL A 26 27.63 17.06 -1.48
C VAL A 26 27.87 16.21 -0.24
N PHE A 27 28.14 14.90 -0.42
CA PHE A 27 28.34 13.96 0.69
C PHE A 27 29.67 13.19 0.62
N ASP A 28 29.67 11.97 0.03
CA ASP A 28 30.72 10.97 0.25
C ASP A 28 31.05 10.17 -1.01
N ASP A 29 32.18 9.47 -1.00
CA ASP A 29 32.66 8.68 -2.12
C ASP A 29 31.85 7.38 -2.26
N LEU A 30 31.72 6.90 -3.51
CA LEU A 30 30.97 5.69 -3.82
C LEU A 30 31.80 4.46 -3.40
N SER A 33 26.40 3.18 0.34
CA SER A 33 25.01 2.77 0.70
C SER A 33 24.28 3.92 1.39
N VAL A 34 23.63 4.77 0.58
CA VAL A 34 22.77 5.84 1.06
C VAL A 34 21.48 5.25 1.60
N SER A 35 20.92 5.88 2.65
CA SER A 35 19.68 5.47 3.28
C SER A 35 18.97 6.73 3.79
N LEU A 36 17.77 7.02 3.25
CA LEU A 36 17.05 8.26 3.56
C LEU A 36 15.78 7.94 4.35
N SER A 37 15.57 8.70 5.46
CA SER A 37 14.34 8.64 6.24
C SER A 37 13.89 10.07 6.59
N TRP A 38 12.60 10.36 6.34
CA TRP A 38 12.00 11.60 6.81
C TRP A 38 11.58 11.45 8.27
N VAL A 39 11.53 12.59 8.98
CA VAL A 39 11.18 12.65 10.40
C VAL A 39 10.12 13.73 10.62
N GLY A 40 8.84 13.30 10.60
CA GLY A 40 7.71 14.15 10.97
C GLY A 40 7.22 15.06 9.84
N ASP A 41 5.90 15.30 9.80
CA ASP A 41 5.31 16.20 8.83
C ASP A 41 5.53 17.65 9.25
N SER A 42 5.70 18.54 8.26
CA SER A 42 5.85 19.98 8.44
C SER A 42 7.12 20.37 9.22
N THR A 43 8.18 19.54 9.16
CA THR A 43 9.44 19.79 9.87
C THR A 43 10.60 20.09 8.91
N GLY A 44 10.66 19.37 7.77
CA GLY A 44 11.82 19.42 6.89
C GLY A 44 13.01 18.59 7.34
N VAL A 45 12.83 17.70 8.35
CA VAL A 45 13.90 16.92 8.94
C VAL A 45 14.09 15.63 8.15
N ILE A 46 15.24 15.53 7.46
CA ILE A 46 15.66 14.35 6.72
C ILE A 46 16.97 13.84 7.35
N LEU A 47 17.15 12.51 7.35
CA LEU A 47 18.33 11.86 7.90
C LEU A 47 18.92 10.92 6.84
N VAL A 48 20.16 11.22 6.39
CA VAL A 48 20.92 10.34 5.53
C VAL A 48 21.84 9.47 6.40
N LEU A 49 21.95 8.18 6.06
CA LEU A 49 22.94 7.28 6.67
C LEU A 49 23.74 6.60 5.56
N THR A 50 24.94 7.14 5.28
CA THR A 50 25.93 6.52 4.42
C THR A 50 26.59 5.36 5.18
N THR A 51 26.86 4.25 4.47
CA THR A 51 27.48 3.07 5.06
C THR A 51 28.57 2.55 4.11
N PHE A 52 29.83 2.53 4.60
CA PHE A 52 30.97 1.99 3.87
C PHE A 52 31.25 0.57 4.37
N HIS A 53 31.29 -0.41 3.43
CA HIS A 53 31.44 -1.82 3.77
C HIS A 53 32.32 -2.52 2.73
N GLY A 62 34.39 -1.02 7.08
CA GLY A 62 33.55 -0.87 8.28
C GLY A 62 33.52 0.56 8.79
N GLN A 63 32.60 1.38 8.24
CA GLN A 63 32.46 2.78 8.60
C GLN A 63 31.06 3.31 8.23
N SER A 64 30.55 4.26 9.03
CA SER A 64 29.27 4.92 8.80
C SER A 64 29.37 6.45 8.99
N LYS A 65 28.46 7.20 8.33
CA LYS A 65 28.37 8.65 8.42
C LYS A 65 26.90 9.13 8.35
N LEU A 66 26.47 9.91 9.37
CA LEU A 66 25.09 10.35 9.57
C LEU A 66 24.99 11.84 9.30
N TYR A 67 24.02 12.24 8.46
CA TYR A 67 23.76 13.64 8.11
C TYR A 67 22.34 14.05 8.54
N ARG A 68 22.09 15.37 8.54
CA ARG A 68 20.80 15.92 8.99
C ARG A 68 20.55 17.33 8.44
N SER A 69 19.52 17.45 7.58
CA SER A 69 18.87 18.70 7.26
C SER A 69 17.75 18.96 8.26
N GLU A 70 17.35 20.24 8.36
CA GLU A 70 16.03 20.61 8.85
C GLU A 70 15.43 21.72 7.96
N ASP A 71 15.77 21.73 6.66
CA ASP A 71 15.24 22.68 5.68
C ASP A 71 14.92 21.98 4.36
N TYR A 72 14.27 20.81 4.46
CA TYR A 72 13.78 20.00 3.34
C TYR A 72 14.90 19.53 2.40
N GLY A 73 16.10 19.27 2.94
CA GLY A 73 17.21 18.68 2.21
C GLY A 73 18.01 19.64 1.33
N LYS A 74 17.90 20.96 1.59
CA LYS A 74 18.68 21.96 0.88
C LYS A 74 20.11 21.91 1.38
N ASN A 75 20.26 22.03 2.72
CA ASN A 75 21.53 21.98 3.41
C ASN A 75 21.47 20.94 4.54
N PHE A 76 22.56 20.17 4.68
CA PHE A 76 22.74 19.19 5.75
C PHE A 76 23.90 19.60 6.68
N LYS A 77 23.99 18.88 7.81
CA LYS A 77 25.06 19.03 8.80
C LYS A 77 25.42 17.64 9.34
N ASP A 78 26.73 17.36 9.51
CA ASP A 78 27.20 16.05 9.95
C ASP A 78 26.96 15.88 11.45
N ILE A 79 26.37 14.71 11.81
CA ILE A 79 26.09 14.32 13.19
C ILE A 79 26.55 12.87 13.44
N THR A 80 27.68 12.48 12.82
CA THR A 80 28.31 11.18 13.05
C THR A 80 28.84 11.12 14.49
N ASP A 81 29.47 12.22 14.91
CA ASP A 81 29.84 12.51 16.30
C ASP A 81 28.75 12.18 17.33
N LEU A 82 27.47 12.52 17.03
CA LEU A 82 26.36 12.33 17.97
C LEU A 82 26.04 10.85 18.25
N ILE A 83 26.49 9.91 17.37
CA ILE A 83 26.43 8.47 17.63
C ILE A 83 27.82 7.89 17.94
N ASN A 84 28.68 8.70 18.60
CA ASN A 84 30.05 8.35 18.97
C ASN A 84 30.83 7.70 17.82
N ASN A 85 30.58 8.18 16.58
CA ASN A 85 31.03 7.61 15.31
C ASN A 85 31.11 6.07 15.32
N THR A 86 29.99 5.42 15.66
CA THR A 86 29.86 3.97 15.68
C THR A 86 29.33 3.47 14.34
N PHE A 87 29.66 2.21 13.99
CA PHE A 87 29.13 1.55 12.81
C PHE A 87 27.67 1.15 13.06
N ILE A 88 26.77 1.61 12.19
CA ILE A 88 25.31 1.32 12.37
C ILE A 88 24.88 0.27 11.34
N ARG A 89 24.01 -0.66 11.74
CA ARG A 89 23.55 -1.74 10.83
C ARG A 89 22.32 -1.30 10.07
N THR A 90 22.44 -1.13 8.75
CA THR A 90 21.31 -0.66 7.91
C THR A 90 20.24 -1.76 7.88
N GLU A 91 20.65 -2.99 8.17
CA GLU A 91 19.69 -4.12 8.12
C GLU A 91 18.41 -3.70 8.81
N PHE A 92 18.53 -3.19 10.03
CA PHE A 92 17.33 -2.75 10.80
C PHE A 92 16.89 -1.39 10.24
N GLY A 93 17.85 -0.54 9.88
CA GLY A 93 17.53 0.75 9.31
C GLY A 93 16.94 1.70 10.33
N MET A 94 16.73 2.95 9.89
CA MET A 94 16.33 4.06 10.75
C MET A 94 14.88 3.88 11.19
N ALA A 95 14.70 3.38 12.43
CA ALA A 95 13.38 3.16 13.00
C ALA A 95 12.77 4.49 13.45
N ILE A 96 11.89 5.05 12.58
CA ILE A 96 11.25 6.35 12.82
C ILE A 96 9.90 6.12 13.51
N GLY A 97 9.59 6.99 14.47
CA GLY A 97 8.35 6.92 15.23
C GLY A 97 7.19 7.52 14.46
N PRO A 98 5.93 7.24 14.89
CA PRO A 98 4.75 7.71 14.16
C PRO A 98 4.47 9.18 14.47
N GLU A 99 3.53 9.77 13.71
CA GLU A 99 3.03 11.12 13.91
C GLU A 99 4.20 12.12 13.83
N ASN A 100 4.17 13.19 14.66
CA ASN A 100 5.33 14.02 14.93
C ASN A 100 5.85 13.77 16.35
N SER A 101 6.07 12.48 16.70
CA SER A 101 6.70 12.09 17.97
C SER A 101 8.20 12.43 17.99
N GLY A 102 8.81 12.63 16.82
CA GLY A 102 10.21 13.04 16.72
C GLY A 102 11.21 11.93 17.02
N LYS A 103 10.77 10.67 17.11
CA LYS A 103 11.59 9.58 17.61
C LYS A 103 12.33 8.87 16.46
N VAL A 104 13.63 8.64 16.69
CA VAL A 104 14.53 7.94 15.78
C VAL A 104 15.33 6.94 16.62
N VAL A 105 15.48 5.70 16.14
CA VAL A 105 16.27 4.66 16.80
C VAL A 105 17.15 3.96 15.77
N LEU A 106 18.49 4.06 15.96
CA LEU A 106 19.48 3.44 15.08
C LEU A 106 20.16 2.28 15.83
N THR A 107 20.23 1.12 15.16
CA THR A 107 20.77 -0.11 15.74
C THR A 107 22.26 -0.25 15.39
N ALA A 108 23.12 -0.19 16.41
CA ALA A 108 24.56 -0.28 16.23
C ALA A 108 25.03 -1.72 16.11
N GLU A 109 26.09 -1.91 15.30
CA GLU A 109 26.96 -3.08 15.34
C GLU A 109 27.74 -3.06 16.66
N VAL A 110 27.82 -4.23 17.32
CA VAL A 110 28.67 -4.43 18.49
C VAL A 110 29.66 -5.57 18.20
N SER A 111 30.82 -5.51 18.86
CA SER A 111 31.83 -6.54 18.74
C SER A 111 31.28 -7.86 19.28
N GLY A 112 31.57 -8.96 18.58
CA GLY A 112 30.98 -10.26 18.88
C GLY A 112 31.34 -10.79 20.27
N GLY A 113 30.39 -11.53 20.89
CA GLY A 113 30.59 -12.09 22.21
C GLY A 113 30.05 -11.22 23.36
N SER A 114 29.31 -10.15 23.03
CA SER A 114 28.67 -9.30 24.04
C SER A 114 27.49 -10.02 24.69
N ARG A 115 27.04 -9.49 25.84
CA ARG A 115 25.84 -9.95 26.52
C ARG A 115 24.61 -9.55 25.69
N GLY A 116 24.57 -8.29 25.25
CA GLY A 116 23.51 -7.79 24.37
C GLY A 116 23.98 -6.67 23.45
N GLY A 117 23.03 -6.16 22.65
CA GLY A 117 23.39 -5.13 21.66
C GLY A 117 23.27 -3.72 22.21
N ARG A 118 23.58 -2.73 21.37
CA ARG A 118 23.54 -1.31 21.81
C ARG A 118 22.78 -0.52 20.75
N ILE A 119 22.01 0.47 21.17
CA ILE A 119 21.18 1.24 20.20
C ILE A 119 21.35 2.74 20.45
N PHE A 120 21.28 3.53 19.39
CA PHE A 120 21.33 4.98 19.52
C PHE A 120 19.94 5.51 19.28
N ARG A 121 19.38 6.22 20.27
CA ARG A 121 17.98 6.61 20.27
C ARG A 121 17.83 8.09 20.62
N SER A 122 16.91 8.76 19.88
CA SER A 122 16.63 10.18 19.99
C SER A 122 15.10 10.33 20.07
N SER A 123 14.61 11.30 20.86
CA SER A 123 13.19 11.61 20.93
C SER A 123 12.96 13.12 20.77
N ASP A 124 13.76 13.77 19.90
CA ASP A 124 13.79 15.23 19.75
C ASP A 124 14.18 15.66 18.33
N PHE A 125 13.68 14.92 17.32
CA PHE A 125 13.94 15.16 15.90
C PHE A 125 15.45 15.20 15.58
N ALA A 126 16.18 14.23 16.14
CA ALA A 126 17.58 13.91 15.84
C ALA A 126 18.55 15.06 16.18
N LYS A 127 18.28 15.78 17.28
CA LYS A 127 19.15 16.84 17.76
C LYS A 127 20.17 16.30 18.78
N ASN A 128 19.73 15.40 19.69
CA ASN A 128 20.57 14.82 20.73
C ASN A 128 20.31 13.31 20.88
N PHE A 129 21.17 12.48 20.27
CA PHE A 129 21.13 11.04 20.42
C PHE A 129 21.77 10.61 21.75
N VAL A 130 21.19 9.58 22.39
CA VAL A 130 21.71 9.00 23.62
C VAL A 130 21.98 7.50 23.42
N GLN A 131 23.18 7.07 23.88
CA GLN A 131 23.60 5.67 23.79
C GLN A 131 22.81 4.84 24.81
N THR A 132 22.60 3.56 24.48
CA THR A 132 21.90 2.62 25.35
C THR A 132 22.26 1.18 24.99
N ASP A 133 22.94 0.48 25.90
CA ASP A 133 23.12 -0.97 25.80
C ASP A 133 21.81 -1.67 26.16
N LEU A 134 21.60 -2.86 25.56
CA LEU A 134 20.38 -3.66 25.75
C LEU A 134 20.70 -4.99 26.44
N PRO A 135 19.74 -5.60 27.17
CA PRO A 135 19.88 -6.98 27.65
C PRO A 135 19.81 -8.13 26.65
N PHE A 136 19.51 -7.85 25.36
CA PHE A 136 19.37 -8.87 24.32
C PHE A 136 19.96 -8.40 23.00
N HIS A 137 20.23 -9.37 22.10
CA HIS A 137 20.61 -9.11 20.72
C HIS A 137 19.37 -9.14 19.83
N PRO A 138 18.95 -8.00 19.24
CA PRO A 138 17.70 -7.97 18.47
C PRO A 138 17.83 -8.60 17.08
N LEU A 139 16.77 -9.32 16.67
CA LEU A 139 16.67 -9.96 15.36
C LEU A 139 15.87 -9.14 14.36
N THR A 140 14.99 -8.23 14.85
CA THR A 140 14.12 -7.41 14.01
C THR A 140 14.29 -5.93 14.34
N GLN A 141 13.68 -5.07 13.51
CA GLN A 141 13.57 -3.65 13.81
C GLN A 141 12.55 -3.45 14.94
N MET A 142 12.78 -2.43 15.76
CA MET A 142 11.88 -2.20 16.92
C MET A 142 10.54 -1.68 16.41
N MET A 143 9.45 -2.11 17.05
CA MET A 143 8.10 -1.72 16.55
C MET A 143 7.50 -0.67 17.48
N TYR A 144 7.16 0.50 16.92
CA TYR A 144 6.53 1.57 17.74
C TYR A 144 5.04 1.33 17.81
N SER A 145 4.48 1.29 19.01
CA SER A 145 3.04 1.17 19.19
C SER A 145 2.35 2.33 18.46
N PRO A 146 1.16 2.13 17.84
CA PRO A 146 0.44 3.24 17.21
C PRO A 146 -0.14 4.24 18.21
N GLN A 147 -0.62 3.75 19.37
CA GLN A 147 -1.30 4.55 20.37
C GLN A 147 -0.32 5.47 21.12
N ASN A 148 0.86 4.93 21.51
CA ASN A 148 1.81 5.59 22.41
C ASN A 148 3.25 5.43 21.89
N SER A 149 3.89 6.54 21.48
CA SER A 149 5.19 6.53 20.80
C SER A 149 6.36 6.11 21.70
N ASP A 150 6.21 6.18 23.03
CA ASP A 150 7.21 5.67 23.98
C ASP A 150 7.23 4.13 24.07
N TYR A 151 6.18 3.44 23.59
CA TYR A 151 6.04 2.00 23.74
C TYR A 151 6.62 1.29 22.52
N LEU A 152 7.73 0.57 22.73
CA LEU A 152 8.38 -0.25 21.70
C LEU A 152 8.29 -1.73 22.07
N LEU A 153 8.41 -2.60 21.05
CA LEU A 153 8.72 -4.01 21.26
C LEU A 153 9.77 -4.47 20.25
N ALA A 154 10.36 -5.63 20.54
CA ALA A 154 11.43 -6.21 19.74
C ALA A 154 11.58 -7.69 20.04
N LEU A 155 12.02 -8.42 19.01
CA LEU A 155 12.17 -9.88 19.05
C LEU A 155 13.65 -10.19 18.93
N SER A 156 14.20 -10.92 19.92
CA SER A 156 15.63 -11.20 20.03
C SER A 156 16.07 -12.29 19.06
N THR A 157 17.40 -12.47 18.94
CA THR A 157 18.00 -13.61 18.23
C THR A 157 17.61 -14.95 18.85
N GLU A 158 17.34 -14.97 20.17
CA GLU A 158 16.88 -16.14 20.91
C GLU A 158 15.36 -16.34 20.87
N ASN A 159 14.65 -15.62 19.98
CA ASN A 159 13.20 -15.74 19.74
C ASN A 159 12.40 -15.36 21.00
N GLY A 160 12.81 -14.25 21.62
CA GLY A 160 12.21 -13.76 22.85
C GLY A 160 11.64 -12.36 22.66
N LEU A 161 10.38 -12.17 23.06
CA LEU A 161 9.67 -10.90 22.86
C LEU A 161 9.94 -10.00 24.06
N TRP A 162 10.69 -8.91 23.83
CA TRP A 162 10.92 -7.87 24.82
C TRP A 162 10.01 -6.67 24.57
N VAL A 163 9.78 -5.88 25.64
CA VAL A 163 8.93 -4.68 25.61
C VAL A 163 9.52 -3.63 26.56
N SER A 164 9.51 -2.35 26.11
CA SER A 164 9.93 -1.20 26.89
C SER A 164 8.88 -0.10 26.85
N LYS A 165 8.52 0.46 28.02
CA LYS A 165 7.51 1.51 28.14
C LYS A 165 8.10 2.92 28.05
N ASN A 166 9.45 3.05 28.07
CA ASN A 166 10.12 4.34 28.25
C ASN A 166 11.04 4.68 27.06
N PHE A 167 10.52 4.47 25.85
CA PHE A 167 11.24 4.68 24.58
C PHE A 167 12.56 3.91 24.57
N GLY A 168 12.48 2.60 24.86
CA GLY A 168 13.60 1.67 24.77
C GLY A 168 14.71 1.91 25.80
N GLY A 169 14.32 2.30 27.02
CA GLY A 169 15.26 2.51 28.11
C GLY A 169 15.47 1.24 28.93
N LYS A 170 14.35 0.66 29.38
CA LYS A 170 14.31 -0.52 30.23
C LYS A 170 13.43 -1.57 29.57
N TRP A 171 14.01 -2.72 29.22
CA TRP A 171 13.33 -3.80 28.50
C TRP A 171 13.00 -4.96 29.44
N GLU A 172 11.78 -5.52 29.26
CA GLU A 172 11.29 -6.66 30.02
C GLU A 172 10.90 -7.76 29.04
N GLU A 173 11.51 -8.95 29.18
CA GLU A 173 11.17 -10.11 28.36
C GLU A 173 9.83 -10.69 28.81
N ILE A 174 8.81 -10.57 27.94
CA ILE A 174 7.43 -10.95 28.26
C ILE A 174 7.06 -12.39 27.83
N HIS A 175 7.80 -12.99 26.88
CA HIS A 175 7.60 -14.39 26.51
C HIS A 175 8.88 -14.99 25.90
N LYS A 176 9.05 -16.32 26.06
CA LYS A 176 10.33 -16.98 25.87
C LYS A 176 10.57 -17.43 24.43
N ALA A 177 9.53 -18.02 23.80
CA ALA A 177 9.59 -18.59 22.46
C ALA A 177 8.52 -17.92 21.59
N VAL A 178 8.95 -17.04 20.68
CA VAL A 178 8.04 -16.19 19.90
C VAL A 178 8.49 -16.18 18.43
N CYS A 179 7.57 -16.51 17.51
CA CYS A 179 7.84 -16.58 16.07
C CYS A 179 7.56 -15.24 15.36
N LEU A 180 6.44 -14.59 15.73
CA LEU A 180 6.07 -13.29 15.16
C LEU A 180 5.18 -12.56 16.14
N ALA A 181 5.45 -11.25 16.30
CA ALA A 181 4.64 -10.36 17.13
C ALA A 181 4.35 -9.08 16.36
N LYS A 182 3.23 -8.42 16.70
CA LYS A 182 2.93 -7.10 16.16
C LYS A 182 1.85 -6.39 16.99
N TRP A 183 1.91 -5.05 16.96
CA TRP A 183 0.98 -4.20 17.71
C TRP A 183 -0.42 -4.22 17.11
N GLY A 184 -1.36 -3.68 17.90
CA GLY A 184 -2.71 -3.35 17.44
C GLY A 184 -3.17 -2.02 18.05
N SER A 185 -4.49 -1.81 18.06
CA SER A 185 -5.07 -0.61 18.66
C SER A 185 -5.02 -0.72 20.19
N ASP A 186 -4.89 0.45 20.87
CA ASP A 186 -4.90 0.59 22.33
C ASP A 186 -3.81 -0.26 23.01
N ASN A 187 -2.58 -0.23 22.45
CA ASN A 187 -1.39 -0.87 23.01
C ASN A 187 -1.51 -2.39 23.21
N THR A 188 -2.37 -3.07 22.44
CA THR A 188 -2.52 -4.52 22.53
C THR A 188 -1.46 -5.20 21.65
N ILE A 189 -0.70 -6.13 22.24
CA ILE A 189 0.27 -6.95 21.52
C ILE A 189 -0.38 -8.30 21.19
N PHE A 190 -0.23 -8.75 19.94
CA PHE A 190 -0.55 -10.11 19.50
C PHE A 190 0.75 -10.82 19.13
N PHE A 191 0.84 -12.13 19.39
CA PHE A 191 2.00 -12.90 18.94
C PHE A 191 1.75 -14.41 18.90
N THR A 192 2.63 -15.09 18.13
CA THR A 192 2.61 -16.53 17.93
C THR A 192 3.84 -17.15 18.59
N THR A 193 3.66 -18.37 19.15
CA THR A 193 4.66 -19.05 19.97
C THR A 193 4.82 -20.52 19.58
N TYR A 194 5.98 -21.11 19.91
CA TYR A 194 6.28 -22.52 19.64
C TYR A 194 6.57 -23.29 20.93
N ALA A 195 6.73 -24.62 20.81
CA ALA A 195 6.89 -25.53 21.94
C ALA A 195 8.17 -26.37 21.85
N ASN A 196 8.14 -27.48 21.07
CA ASN A 196 9.17 -28.50 21.14
C ASN A 196 10.38 -28.09 20.30
N GLY A 197 10.16 -27.86 19.01
CA GLY A 197 11.22 -27.53 18.06
C GLY A 197 11.52 -26.03 18.02
N SER A 198 11.75 -25.52 16.80
CA SER A 198 11.79 -24.08 16.51
C SER A 198 10.54 -23.72 15.68
N CYS A 199 10.55 -22.53 15.05
CA CYS A 199 9.39 -22.05 14.31
C CYS A 199 9.07 -22.90 13.06
N LYS A 200 10.07 -23.09 12.19
CA LYS A 200 9.91 -23.75 10.91
C LYS A 200 9.42 -25.20 11.06
N ALA A 201 9.85 -25.89 12.13
CA ALA A 201 9.42 -27.27 12.41
C ALA A 201 7.98 -27.32 12.91
N ASP A 202 7.63 -26.41 13.85
CA ASP A 202 6.30 -26.32 14.43
C ASP A 202 5.31 -25.44 13.64
N LEU A 203 5.67 -25.03 12.40
CA LEU A 203 4.76 -24.32 11.50
C LEU A 203 3.52 -25.16 11.22
N GLY A 204 2.39 -24.73 11.80
CA GLY A 204 1.15 -25.47 11.77
C GLY A 204 0.65 -25.82 13.17
N ALA A 205 1.59 -26.21 14.06
CA ALA A 205 1.29 -26.60 15.44
C ALA A 205 1.48 -25.45 16.44
N LEU A 206 1.56 -24.18 15.97
CA LEU A 206 1.77 -23.04 16.86
C LEU A 206 0.48 -22.68 17.61
N GLU A 207 0.59 -21.72 18.56
CA GLU A 207 -0.56 -21.12 19.22
C GLU A 207 -0.36 -19.60 19.35
N LEU A 208 -1.50 -18.88 19.32
CA LEU A 208 -1.56 -17.44 19.15
C LEU A 208 -2.02 -16.83 20.46
N TRP A 209 -1.16 -15.98 21.05
CA TRP A 209 -1.44 -15.30 22.30
C TRP A 209 -1.81 -13.84 22.06
N ARG A 210 -2.41 -13.23 23.10
CA ARG A 210 -2.61 -11.80 23.20
C ARG A 210 -2.26 -11.37 24.64
N THR A 211 -1.77 -10.12 24.78
CA THR A 211 -1.70 -9.43 26.07
C THR A 211 -2.30 -8.03 25.93
N SER A 212 -3.31 -7.76 26.78
CA SER A 212 -3.93 -6.45 26.88
C SER A 212 -3.02 -5.43 27.56
N ASP A 213 -2.09 -5.90 28.42
CA ASP A 213 -1.43 -5.06 29.43
C ASP A 213 0.07 -5.34 29.53
N LEU A 214 0.76 -5.26 28.38
CA LEU A 214 2.22 -5.21 28.30
C LEU A 214 2.89 -6.46 28.91
N GLY A 215 2.25 -7.63 28.78
CA GLY A 215 2.82 -8.89 29.23
C GLY A 215 2.58 -9.22 30.71
N LYS A 216 1.76 -8.42 31.41
CA LYS A 216 1.35 -8.72 32.78
C LYS A 216 0.35 -9.88 32.76
N SER A 217 -0.68 -9.73 31.91
CA SER A 217 -1.73 -10.72 31.68
C SER A 217 -1.59 -11.32 30.28
N PHE A 218 -2.15 -12.54 30.10
CA PHE A 218 -2.06 -13.27 28.84
C PHE A 218 -3.35 -14.06 28.55
N LYS A 219 -3.52 -14.45 27.27
CA LYS A 219 -4.66 -15.25 26.84
C LYS A 219 -4.33 -15.98 25.52
N THR A 220 -4.43 -17.32 25.54
CA THR A 220 -4.25 -18.15 24.36
C THR A 220 -5.48 -18.06 23.44
N ILE A 221 -5.49 -17.03 22.58
CA ILE A 221 -6.62 -16.74 21.69
C ILE A 221 -6.65 -17.58 20.40
N GLY A 222 -5.67 -18.50 20.18
CA GLY A 222 -5.79 -19.47 19.11
C GLY A 222 -4.78 -20.62 19.23
N VAL A 223 -5.09 -21.76 18.60
CA VAL A 223 -4.24 -22.96 18.61
C VAL A 223 -4.20 -23.59 17.22
N LYS A 224 -3.22 -24.49 17.01
CA LYS A 224 -2.85 -25.13 15.73
C LYS A 224 -2.85 -24.10 14.58
N ILE A 225 -2.09 -23.02 14.81
CA ILE A 225 -1.96 -21.89 13.91
C ILE A 225 -0.78 -22.11 12.97
N TYR A 226 -0.96 -21.71 11.71
CA TYR A 226 0.11 -21.60 10.72
C TYR A 226 0.70 -20.19 10.79
N SER A 227 -0.15 -19.17 10.65
CA SER A 227 0.23 -17.77 10.78
C SER A 227 -1.00 -16.89 11.01
N PHE A 228 -0.74 -15.62 11.35
CA PHE A 228 -1.80 -14.64 11.64
C PHE A 228 -1.47 -13.28 11.02
N GLY A 229 -2.48 -12.41 10.98
CA GLY A 229 -2.35 -11.09 10.39
C GLY A 229 -3.55 -10.18 10.67
N LEU A 230 -3.32 -8.86 10.53
CA LEU A 230 -4.32 -7.85 10.81
C LEU A 230 -4.47 -6.92 9.60
N GLY A 231 -5.73 -6.65 9.23
CA GLY A 231 -6.06 -5.66 8.22
C GLY A 231 -7.30 -4.89 8.64
N GLY A 232 -7.18 -3.56 8.71
CA GLY A 232 -8.24 -2.69 9.18
C GLY A 232 -8.80 -3.15 10.53
N ARG A 233 -10.10 -3.46 10.54
CA ARG A 233 -10.82 -3.83 11.75
C ARG A 233 -10.60 -5.28 12.17
N PHE A 234 -10.13 -6.15 11.25
CA PHE A 234 -10.20 -7.60 11.43
C PHE A 234 -8.87 -8.21 11.89
N LEU A 235 -8.96 -9.25 12.73
CA LEU A 235 -7.83 -10.15 13.03
C LEU A 235 -8.05 -11.45 12.26
N PHE A 236 -7.05 -11.81 11.45
CA PHE A 236 -7.07 -13.04 10.68
C PHE A 236 -6.08 -14.05 11.25
N ALA A 237 -6.40 -15.35 11.08
CA ALA A 237 -5.52 -16.44 11.49
C ALA A 237 -5.78 -17.69 10.64
N SER A 238 -4.72 -18.18 9.96
CA SER A 238 -4.76 -19.46 9.27
C SER A 238 -4.53 -20.59 10.28
N VAL A 239 -5.37 -21.65 10.20
CA VAL A 239 -5.46 -22.73 11.17
C VAL A 239 -5.40 -24.07 10.44
N MET A 240 -4.48 -24.96 10.85
CA MET A 240 -4.38 -26.30 10.27
C MET A 240 -5.54 -27.17 10.75
N ALA A 241 -6.09 -27.99 9.83
CA ALA A 241 -7.13 -28.95 10.17
C ALA A 241 -6.50 -30.17 10.85
N ASP A 242 -7.27 -30.81 11.74
CA ASP A 242 -6.87 -32.04 12.40
C ASP A 242 -6.98 -33.21 11.42
N LYS A 243 -5.91 -34.02 11.35
CA LYS A 243 -5.78 -35.15 10.42
C LYS A 243 -5.76 -34.66 8.97
N ASP A 244 -4.97 -33.61 8.69
CA ASP A 244 -4.87 -33.03 7.35
C ASP A 244 -3.69 -32.03 7.26
N THR A 245 -3.09 -31.92 6.06
CA THR A 245 -2.05 -30.94 5.77
C THR A 245 -2.62 -29.54 5.43
N THR A 246 -3.94 -29.43 5.21
CA THR A 246 -4.58 -28.19 4.76
C THR A 246 -4.78 -27.19 5.89
N ARG A 247 -5.05 -25.91 5.52
CA ARG A 247 -5.42 -24.86 6.47
C ARG A 247 -6.52 -23.92 5.94
N ARG A 248 -7.22 -23.28 6.90
CA ARG A 248 -8.37 -22.43 6.66
C ARG A 248 -8.23 -21.11 7.43
N ILE A 249 -8.62 -19.99 6.81
CA ILE A 249 -8.60 -18.70 7.48
C ILE A 249 -9.82 -18.55 8.40
N HIS A 250 -9.60 -17.96 9.59
CA HIS A 250 -10.62 -17.65 10.59
C HIS A 250 -10.50 -16.18 11.00
N VAL A 251 -11.64 -15.53 11.29
CA VAL A 251 -11.73 -14.08 11.42
C VAL A 251 -12.33 -13.71 12.77
N SER A 252 -11.63 -12.84 13.51
CA SER A 252 -12.11 -12.22 14.74
C SER A 252 -12.22 -10.71 14.55
N THR A 253 -13.36 -10.14 14.96
CA THR A 253 -13.61 -8.71 14.98
C THR A 253 -13.52 -8.12 16.39
N ASP A 254 -12.87 -8.84 17.34
CA ASP A 254 -12.90 -8.49 18.76
C ASP A 254 -11.65 -9.00 19.50
N GLN A 255 -10.48 -8.84 18.87
CA GLN A 255 -9.19 -9.20 19.46
C GLN A 255 -9.12 -10.68 19.86
N GLY A 256 -9.81 -11.56 19.13
CA GLY A 256 -9.68 -13.01 19.30
C GLY A 256 -10.43 -13.62 20.49
N ASP A 257 -11.39 -12.89 21.07
CA ASP A 257 -12.31 -13.47 22.05
C ASP A 257 -13.23 -14.47 21.36
N THR A 258 -13.87 -14.03 20.27
CA THR A 258 -14.71 -14.87 19.43
C THR A 258 -14.14 -14.97 18.01
N TRP A 259 -14.42 -16.13 17.38
CA TRP A 259 -13.91 -16.47 16.06
C TRP A 259 -15.02 -17.06 15.19
N SER A 260 -14.87 -16.92 13.87
CA SER A 260 -15.70 -17.59 12.89
C SER A 260 -14.83 -17.97 11.70
N MET A 261 -15.02 -19.17 11.16
CA MET A 261 -14.32 -19.57 9.94
C MET A 261 -14.91 -18.81 8.74
N ALA A 262 -14.03 -18.39 7.83
CA ALA A 262 -14.41 -17.63 6.65
C ALA A 262 -15.03 -18.55 5.60
N GLN A 263 -15.75 -17.94 4.65
CA GLN A 263 -16.32 -18.65 3.50
C GLN A 263 -15.34 -18.62 2.32
N LEU A 264 -14.10 -19.08 2.57
CA LEU A 264 -13.03 -19.18 1.58
C LEU A 264 -12.54 -20.61 1.51
N PRO A 265 -11.96 -21.06 0.36
CA PRO A 265 -11.49 -22.43 0.24
C PRO A 265 -10.24 -22.70 1.08
N SER A 266 -10.11 -23.96 1.54
CA SER A 266 -8.91 -24.43 2.20
C SER A 266 -7.79 -24.64 1.18
N VAL A 267 -6.55 -24.46 1.63
CA VAL A 267 -5.37 -24.57 0.78
C VAL A 267 -4.29 -25.43 1.47
N GLY A 268 -3.40 -26.00 0.64
CA GLY A 268 -2.29 -26.81 1.11
C GLY A 268 -1.10 -25.95 1.54
N GLN A 269 0.00 -26.62 1.91
CA GLN A 269 1.18 -25.98 2.46
C GLN A 269 2.00 -25.24 1.40
N GLU A 270 1.91 -25.66 0.12
CA GLU A 270 2.56 -24.95 -0.99
C GLU A 270 1.82 -23.62 -1.28
N GLN A 271 0.49 -23.62 -1.17
CA GLN A 271 -0.34 -22.43 -1.42
C GLN A 271 -0.32 -21.45 -0.25
N PHE A 272 -0.83 -20.22 -0.51
CA PHE A 272 -0.87 -19.13 0.48
C PHE A 272 -2.11 -18.24 0.32
N TYR A 273 -2.44 -17.55 1.43
CA TYR A 273 -3.36 -16.43 1.46
C TYR A 273 -2.57 -15.13 1.51
N SER A 274 -3.20 -14.01 1.12
CA SER A 274 -2.56 -12.70 1.15
C SER A 274 -3.60 -11.57 1.26
N ILE A 275 -3.52 -10.77 2.34
CA ILE A 275 -4.36 -9.59 2.52
C ILE A 275 -3.86 -8.49 1.57
N LEU A 276 -4.44 -8.45 0.36
CA LEU A 276 -4.11 -7.47 -0.66
C LEU A 276 -4.38 -6.04 -0.16
N ALA A 277 -5.53 -5.84 0.50
CA ALA A 277 -5.89 -4.54 1.04
C ALA A 277 -6.96 -4.68 2.11
N ALA A 278 -7.05 -3.69 3.02
CA ALA A 278 -8.05 -3.70 4.08
C ALA A 278 -8.34 -2.30 4.65
N ASN A 279 -9.55 -2.19 5.23
CA ASN A 279 -10.02 -1.00 5.92
C ASN A 279 -11.12 -1.38 6.91
N ASP A 280 -11.83 -0.38 7.45
CA ASP A 280 -12.95 -0.59 8.35
C ASP A 280 -14.09 -1.36 7.68
N ASP A 281 -14.33 -1.10 6.38
CA ASP A 281 -15.43 -1.70 5.64
C ASP A 281 -15.18 -3.17 5.28
N MET A 282 -14.03 -3.49 4.65
CA MET A 282 -13.85 -4.80 4.02
C MET A 282 -12.38 -5.09 3.65
N VAL A 283 -12.13 -6.34 3.19
CA VAL A 283 -10.80 -6.82 2.84
C VAL A 283 -10.80 -7.45 1.44
N PHE A 284 -9.77 -7.12 0.63
CA PHE A 284 -9.45 -7.88 -0.57
C PHE A 284 -8.52 -9.02 -0.18
N MET A 285 -8.91 -10.27 -0.49
CA MET A 285 -8.17 -11.47 -0.14
C MET A 285 -7.78 -12.25 -1.40
N HIS A 286 -6.46 -12.34 -1.66
CA HIS A 286 -5.89 -13.23 -2.66
C HIS A 286 -5.74 -14.63 -2.07
N VAL A 287 -6.17 -15.65 -2.84
CA VAL A 287 -6.05 -17.06 -2.49
C VAL A 287 -5.35 -17.74 -3.66
N ASP A 288 -4.17 -18.34 -3.42
CA ASP A 288 -3.37 -18.93 -4.50
C ASP A 288 -4.02 -20.18 -5.06
N GLU A 289 -3.94 -20.34 -6.40
CA GLU A 289 -4.47 -21.52 -7.09
C GLU A 289 -3.44 -22.64 -6.93
N PRO A 290 -3.87 -23.89 -6.64
CA PRO A 290 -2.92 -24.99 -6.45
C PRO A 290 -2.16 -25.37 -7.72
N GLY A 291 -0.91 -25.85 -7.53
CA GLY A 291 -0.14 -26.48 -8.60
C GLY A 291 0.99 -25.62 -9.18
N ASP A 292 1.52 -24.67 -8.38
CA ASP A 292 2.62 -23.80 -8.79
C ASP A 292 2.28 -23.01 -10.06
N THR A 293 1.08 -22.42 -10.07
CA THR A 293 0.51 -21.77 -11.25
C THR A 293 1.03 -20.34 -11.45
N GLY A 294 1.41 -19.67 -10.36
CA GLY A 294 1.82 -18.27 -10.40
C GLY A 294 0.63 -17.30 -10.42
N PHE A 295 -0.59 -17.78 -10.09
CA PHE A 295 -1.77 -16.93 -9.98
C PHE A 295 -2.77 -17.48 -8.96
N GLY A 296 -3.77 -16.65 -8.66
CA GLY A 296 -4.86 -17.02 -7.78
C GLY A 296 -6.15 -16.28 -8.10
N THR A 297 -6.94 -16.05 -7.05
CA THR A 297 -8.29 -15.53 -7.16
C THR A 297 -8.50 -14.49 -6.07
N ILE A 298 -8.98 -13.30 -6.45
CA ILE A 298 -9.32 -12.26 -5.50
C ILE A 298 -10.73 -12.52 -5.01
N PHE A 299 -10.92 -12.40 -3.68
CA PHE A 299 -12.23 -12.40 -3.05
C PHE A 299 -12.36 -11.14 -2.20
N THR A 300 -13.51 -10.46 -2.34
CA THR A 300 -13.86 -9.30 -1.52
C THR A 300 -14.81 -9.73 -0.41
N SER A 301 -14.62 -9.18 0.80
CA SER A 301 -15.40 -9.57 1.98
C SER A 301 -16.66 -8.71 2.12
N ASP A 302 -17.49 -9.09 3.11
CA ASP A 302 -18.58 -8.26 3.62
C ASP A 302 -18.05 -7.42 4.79
N ASP A 303 -18.94 -6.67 5.46
CA ASP A 303 -18.58 -5.89 6.64
C ASP A 303 -18.20 -6.78 7.84
N ARG A 304 -18.76 -8.00 7.94
CA ARG A 304 -18.38 -8.96 8.96
C ARG A 304 -16.95 -9.51 8.77
N GLY A 305 -16.46 -9.51 7.52
CA GLY A 305 -15.17 -10.07 7.16
C GLY A 305 -15.21 -11.59 6.91
N ILE A 306 -16.44 -12.15 6.89
CA ILE A 306 -16.66 -13.58 7.03
C ILE A 306 -17.12 -14.18 5.70
N VAL A 307 -18.15 -13.58 5.08
CA VAL A 307 -18.65 -14.01 3.78
C VAL A 307 -17.80 -13.35 2.69
N TYR A 308 -17.41 -14.15 1.69
CA TYR A 308 -16.56 -13.72 0.58
C TYR A 308 -17.29 -13.91 -0.74
N SER A 309 -16.70 -13.31 -1.79
CA SER A 309 -17.34 -13.19 -3.08
C SER A 309 -16.29 -13.02 -4.16
N LYS A 310 -16.19 -14.02 -5.05
CA LYS A 310 -15.17 -14.07 -6.10
C LYS A 310 -15.24 -12.77 -6.91
N SER A 311 -14.20 -11.95 -6.80
CA SER A 311 -14.10 -10.70 -7.52
C SER A 311 -13.40 -10.90 -8.88
N LEU A 312 -12.26 -11.62 -8.88
CA LEU A 312 -11.38 -11.70 -10.04
C LEU A 312 -10.65 -13.05 -10.09
N ASP A 313 -10.72 -13.73 -11.25
CA ASP A 313 -10.01 -14.98 -11.51
C ASP A 313 -8.68 -14.73 -12.21
N ARG A 314 -7.73 -15.65 -11.97
CA ARG A 314 -6.38 -15.64 -12.54
C ARG A 314 -5.65 -14.33 -12.23
N HIS A 315 -5.71 -13.89 -10.96
CA HIS A 315 -4.98 -12.73 -10.51
C HIS A 315 -3.51 -13.10 -10.32
N LEU A 316 -2.62 -12.34 -10.97
CA LEU A 316 -1.19 -12.67 -11.04
C LEU A 316 -0.51 -12.37 -9.70
N TYR A 317 0.16 -13.39 -9.13
CA TYR A 317 0.86 -13.30 -7.84
C TYR A 317 1.90 -14.42 -7.77
N THR A 318 3.18 -14.06 -7.56
CA THR A 318 4.31 -14.96 -7.80
C THR A 318 4.46 -16.07 -6.74
N THR A 319 5.43 -16.97 -6.96
CA THR A 319 5.71 -18.09 -6.07
C THR A 319 6.34 -17.64 -4.75
N THR A 320 5.90 -18.28 -3.64
CA THR A 320 6.36 -18.08 -2.26
C THR A 320 6.14 -16.64 -1.78
N GLY A 321 4.90 -16.16 -1.89
CA GLY A 321 4.57 -14.77 -1.64
C GLY A 321 4.99 -13.89 -2.82
N GLY A 322 5.92 -12.97 -2.60
CA GLY A 322 6.54 -12.19 -3.67
C GLY A 322 5.64 -11.06 -4.19
N GLU A 323 5.58 -10.91 -5.53
CA GLU A 323 5.15 -9.68 -6.18
C GLU A 323 3.77 -9.80 -6.83
N THR A 324 3.01 -8.69 -6.79
CA THR A 324 1.80 -8.51 -7.57
C THR A 324 1.64 -7.06 -8.03
N ASP A 325 0.88 -6.89 -9.13
CA ASP A 325 0.56 -5.59 -9.69
C ASP A 325 -0.66 -4.93 -9.03
N PHE A 326 -1.30 -5.58 -8.03
CA PHE A 326 -2.46 -5.04 -7.32
C PHE A 326 -2.17 -3.68 -6.67
N THR A 327 -3.06 -2.70 -6.94
CA THR A 327 -2.79 -1.28 -6.67
C THR A 327 -4.10 -0.57 -6.31
N ASN A 328 -4.21 -0.09 -5.06
CA ASN A 328 -5.22 0.88 -4.68
C ASN A 328 -4.88 2.24 -5.31
N VAL A 329 -5.69 2.64 -6.31
CA VAL A 329 -5.65 4.00 -6.81
C VAL A 329 -6.28 4.89 -5.74
N THR A 330 -5.42 5.47 -4.91
CA THR A 330 -5.82 6.29 -3.78
C THR A 330 -6.45 7.62 -4.19
N SER A 331 -6.21 8.09 -5.43
CA SER A 331 -6.73 9.37 -5.93
C SER A 331 -8.20 9.34 -6.36
N LEU A 332 -8.91 8.20 -6.22
CA LEU A 332 -10.36 8.17 -6.38
C LEU A 332 -10.93 6.98 -5.61
N ARG A 333 -12.14 7.18 -5.05
CA ARG A 333 -12.84 6.19 -4.24
C ARG A 333 -13.37 5.08 -5.13
N GLY A 334 -13.07 3.82 -4.75
CA GLY A 334 -13.54 2.63 -5.46
C GLY A 334 -12.55 2.04 -6.48
N VAL A 335 -11.46 2.76 -6.78
CA VAL A 335 -10.58 2.44 -7.91
C VAL A 335 -9.39 1.61 -7.47
N TYR A 336 -9.20 0.49 -8.17
CA TYR A 336 -8.08 -0.43 -7.96
C TYR A 336 -7.64 -0.98 -9.32
N ILE A 337 -6.31 -1.02 -9.53
CA ILE A 337 -5.70 -1.60 -10.73
C ILE A 337 -4.98 -2.88 -10.32
N THR A 338 -5.03 -3.90 -11.19
CA THR A 338 -4.17 -5.08 -11.06
C THR A 338 -3.98 -5.78 -12.41
N SER A 339 -3.23 -6.89 -12.39
CA SER A 339 -2.87 -7.61 -13.61
C SER A 339 -3.27 -9.07 -13.50
N VAL A 340 -3.74 -9.62 -14.64
CA VAL A 340 -4.29 -10.97 -14.73
C VAL A 340 -3.66 -11.69 -15.91
N LEU A 341 -3.64 -13.02 -15.82
CA LEU A 341 -3.06 -13.88 -16.85
C LEU A 341 -4.17 -14.51 -17.68
N SER A 342 -4.03 -14.43 -19.01
CA SER A 342 -4.91 -15.12 -19.95
C SER A 342 -4.67 -16.64 -19.93
N GLU A 343 -5.56 -17.40 -20.60
CA GLU A 343 -5.29 -18.80 -20.95
C GLU A 343 -4.08 -18.87 -21.89
N ASP A 344 -4.06 -17.97 -22.90
CA ASP A 344 -2.95 -17.67 -23.79
C ASP A 344 -1.56 -17.64 -23.13
N ASN A 345 -1.50 -17.19 -21.85
CA ASN A 345 -0.29 -17.02 -21.05
C ASN A 345 0.32 -15.62 -21.26
N SER A 346 -0.55 -14.64 -21.57
CA SER A 346 -0.24 -13.22 -21.68
C SER A 346 -0.84 -12.50 -20.48
N ILE A 347 -0.33 -11.29 -20.19
CA ILE A 347 -0.76 -10.52 -19.03
C ILE A 347 -1.50 -9.26 -19.48
N GLN A 348 -2.76 -9.13 -19.01
CA GLN A 348 -3.58 -7.95 -19.19
C GLN A 348 -3.89 -7.29 -17.85
N THR A 349 -4.09 -5.95 -17.90
CA THR A 349 -4.26 -5.11 -16.74
C THR A 349 -5.75 -4.78 -16.64
N MET A 350 -6.35 -5.08 -15.49
CA MET A 350 -7.77 -4.85 -15.23
C MET A 350 -7.96 -3.70 -14.23
N ILE A 351 -9.04 -2.91 -14.42
CA ILE A 351 -9.42 -1.81 -13.52
C ILE A 351 -10.83 -2.08 -12.98
N THR A 352 -11.05 -1.77 -11.68
CA THR A 352 -12.38 -1.79 -11.06
C THR A 352 -12.64 -0.39 -10.51
N PHE A 353 -13.82 0.17 -10.80
CA PHE A 353 -14.21 1.48 -10.32
C PHE A 353 -15.16 1.41 -9.11
N ASP A 354 -15.47 0.20 -8.62
CA ASP A 354 -16.50 0.02 -7.60
C ASP A 354 -16.13 -1.09 -6.61
N GLN A 355 -14.89 -1.03 -6.11
CA GLN A 355 -14.39 -1.89 -5.04
C GLN A 355 -14.46 -3.39 -5.42
N GLY A 356 -14.18 -3.69 -6.70
CA GLY A 356 -14.03 -5.06 -7.16
C GLY A 356 -15.36 -5.81 -7.28
N GLY A 357 -16.40 -5.11 -7.72
CA GLY A 357 -17.64 -5.75 -8.14
C GLY A 357 -17.48 -6.19 -9.59
N ARG A 358 -17.32 -5.17 -10.45
CA ARG A 358 -17.04 -5.33 -11.87
C ARG A 358 -15.59 -4.90 -12.14
N TRP A 359 -14.87 -5.72 -12.94
CA TRP A 359 -13.56 -5.36 -13.48
C TRP A 359 -13.64 -5.27 -15.01
N THR A 360 -12.65 -4.61 -15.62
CA THR A 360 -12.66 -4.31 -17.06
C THR A 360 -11.31 -3.76 -17.57
N HIS A 361 -11.17 -3.65 -18.91
CA HIS A 361 -9.98 -3.11 -19.55
C HIS A 361 -9.88 -1.59 -19.38
N LEU A 362 -8.63 -1.11 -19.33
CA LEU A 362 -8.40 0.35 -19.22
C LEU A 362 -8.55 0.96 -20.62
N ARG A 363 -9.21 2.13 -20.69
CA ARG A 363 -9.47 2.79 -21.99
C ARG A 363 -8.15 3.08 -22.71
N LYS A 364 -8.12 2.86 -24.03
CA LYS A 364 -6.91 3.17 -24.82
C LYS A 364 -6.76 4.69 -24.91
N PRO A 365 -5.55 5.23 -24.72
CA PRO A 365 -5.30 6.66 -24.89
C PRO A 365 -5.58 7.15 -26.31
N GLU A 366 -6.15 8.37 -26.40
CA GLU A 366 -6.40 9.04 -27.68
C GLU A 366 -5.08 9.36 -28.41
N ASN A 367 -4.04 9.73 -27.65
CA ASN A 367 -2.72 10.04 -28.19
C ASN A 367 -1.80 8.80 -28.16
N SER A 368 -2.16 7.76 -28.94
CA SER A 368 -1.43 6.50 -29.00
C SER A 368 -1.92 5.59 -30.13
N GLU A 369 -0.99 4.93 -30.83
CA GLU A 369 -1.25 3.79 -31.70
C GLU A 369 -1.07 2.50 -30.89
N CYS A 370 -1.81 1.45 -31.27
CA CYS A 370 -1.70 0.13 -30.63
C CYS A 370 -0.40 -0.55 -31.05
N ASP A 371 0.32 -1.15 -30.09
CA ASP A 371 1.61 -1.81 -30.33
C ASP A 371 1.43 -3.21 -30.95
N ALA A 372 2.54 -3.94 -31.13
CA ALA A 372 2.60 -5.24 -31.82
C ALA A 372 1.82 -6.36 -31.12
N THR A 373 1.46 -6.20 -29.83
CA THR A 373 0.64 -7.19 -29.12
C THR A 373 -0.80 -7.24 -29.62
N ALA A 374 -1.27 -6.13 -30.23
CA ALA A 374 -2.67 -5.97 -30.61
C ALA A 374 -3.00 -6.62 -31.96
N LYS A 375 -4.07 -7.44 -31.97
CA LYS A 375 -4.63 -8.01 -33.20
C LYS A 375 -5.19 -6.90 -34.10
N ASN A 376 -5.91 -5.95 -33.50
CA ASN A 376 -6.51 -4.84 -34.22
C ASN A 376 -5.63 -3.61 -34.02
N LYS A 377 -5.31 -2.91 -35.12
CA LYS A 377 -4.45 -1.73 -35.09
C LYS A 377 -5.21 -0.51 -34.54
N ASN A 378 -6.50 -0.37 -34.90
CA ASN A 378 -7.34 0.74 -34.48
C ASN A 378 -7.70 0.66 -33.00
N GLU A 379 -8.09 -0.55 -32.52
CA GLU A 379 -8.67 -0.74 -31.19
C GLU A 379 -7.82 -1.64 -30.29
N CYS A 380 -7.59 -1.17 -29.05
CA CYS A 380 -6.90 -1.93 -28.01
C CYS A 380 -7.16 -1.29 -26.63
N SER A 381 -6.30 -1.56 -25.62
CA SER A 381 -6.43 -1.03 -24.25
C SER A 381 -5.07 -0.60 -23.69
N LEU A 382 -5.07 0.24 -22.64
CA LEU A 382 -3.85 0.54 -21.88
C LEU A 382 -3.56 -0.59 -20.88
N HIS A 383 -2.26 -0.83 -20.69
CA HIS A 383 -1.73 -1.83 -19.78
C HIS A 383 -0.67 -1.16 -18.92
N ILE A 384 -0.51 -1.59 -17.65
CA ILE A 384 0.25 -0.85 -16.67
C ILE A 384 1.41 -1.68 -16.13
N HIS A 385 2.58 -1.05 -16.06
CA HIS A 385 3.80 -1.61 -15.47
C HIS A 385 3.85 -1.28 -13.99
N ALA A 386 3.56 -2.29 -13.15
CA ALA A 386 3.71 -2.19 -11.70
C ALA A 386 4.78 -3.19 -11.24
N SER A 387 4.62 -3.82 -10.05
CA SER A 387 5.69 -4.57 -9.39
C SER A 387 6.20 -5.78 -10.19
N TYR A 388 5.33 -6.38 -11.03
CA TYR A 388 5.68 -7.60 -11.76
C TYR A 388 6.64 -7.29 -12.90
N SER A 389 6.30 -6.29 -13.72
CA SER A 389 7.17 -5.79 -14.79
C SER A 389 8.58 -5.49 -14.25
N ILE A 390 8.64 -4.78 -13.12
CA ILE A 390 9.87 -4.42 -12.42
C ILE A 390 10.65 -5.68 -12.04
N SER A 391 9.99 -6.64 -11.38
CA SER A 391 10.63 -7.89 -10.95
C SER A 391 11.29 -8.62 -12.12
N GLN A 392 10.58 -8.66 -13.26
CA GLN A 392 11.05 -9.32 -14.47
C GLN A 392 12.03 -8.46 -15.30
N LYS A 393 12.60 -7.40 -14.70
CA LYS A 393 13.75 -6.66 -15.24
C LYS A 393 13.39 -5.88 -16.51
N LEU A 394 12.13 -5.48 -16.67
CA LEU A 394 11.76 -4.54 -17.73
C LEU A 394 12.22 -3.14 -17.33
N ASN A 395 12.34 -2.26 -18.33
CA ASN A 395 12.93 -0.93 -18.17
C ASN A 395 11.89 0.02 -17.56
N VAL A 396 11.63 -0.19 -16.26
CA VAL A 396 10.52 0.42 -15.53
C VAL A 396 11.07 1.01 -14.23
N PRO A 397 11.35 2.34 -14.16
CA PRO A 397 11.90 2.95 -12.94
C PRO A 397 10.94 3.07 -11.75
N MET A 398 9.65 3.30 -12.02
CA MET A 398 8.64 3.53 -10.99
C MET A 398 7.34 2.77 -11.28
N ALA A 399 6.74 2.23 -10.21
CA ALA A 399 5.37 1.73 -10.21
C ALA A 399 4.38 2.89 -10.35
N PRO A 400 3.07 2.63 -10.55
CA PRO A 400 2.08 3.71 -10.60
C PRO A 400 2.03 4.57 -9.32
N LEU A 401 1.70 5.87 -9.51
CA LEU A 401 1.66 6.86 -8.44
C LEU A 401 0.27 7.51 -8.38
N SER A 402 -0.24 7.66 -7.17
CA SER A 402 -1.46 8.40 -6.90
C SER A 402 -1.48 8.90 -5.46
N GLU A 403 -1.84 10.19 -5.29
CA GLU A 403 -1.93 10.83 -3.99
C GLU A 403 -3.39 11.20 -3.73
N PRO A 404 -3.95 10.90 -2.53
CA PRO A 404 -5.38 11.15 -2.27
C PRO A 404 -5.75 12.64 -2.29
N ASN A 405 -4.83 13.51 -1.87
CA ASN A 405 -5.00 14.97 -1.94
C ASN A 405 -5.05 15.45 -3.39
N ALA A 406 -4.25 14.85 -4.28
CA ALA A 406 -4.32 15.14 -5.71
C ALA A 406 -5.44 14.32 -6.34
N VAL A 407 -6.68 14.82 -6.18
CA VAL A 407 -7.87 14.11 -6.67
C VAL A 407 -7.84 13.97 -8.20
N GLY A 408 -8.10 12.72 -8.66
CA GLY A 408 -8.13 12.38 -10.08
C GLY A 408 -6.81 11.82 -10.61
N ILE A 409 -5.67 12.27 -10.08
CA ILE A 409 -4.38 12.13 -10.75
C ILE A 409 -3.83 10.73 -10.52
N VAL A 410 -3.53 10.03 -11.62
CA VAL A 410 -2.88 8.73 -11.63
C VAL A 410 -1.78 8.77 -12.69
N ILE A 411 -0.52 8.49 -12.30
CA ILE A 411 0.63 8.49 -13.21
C ILE A 411 1.25 7.08 -13.21
N ALA A 412 1.53 6.54 -14.40
CA ALA A 412 2.18 5.24 -14.53
C ALA A 412 2.82 5.04 -15.89
N HIS A 413 3.74 4.06 -15.95
CA HIS A 413 4.30 3.56 -17.20
C HIS A 413 3.36 2.51 -17.76
N GLY A 414 3.31 2.43 -19.10
CA GLY A 414 2.41 1.47 -19.73
C GLY A 414 2.74 1.13 -21.20
N SER A 415 2.07 0.06 -21.66
CA SER A 415 1.97 -0.30 -23.08
C SER A 415 0.50 -0.23 -23.51
N VAL A 416 0.31 0.09 -24.79
CA VAL A 416 -1.00 0.22 -25.40
C VAL A 416 -1.14 -0.93 -26.39
N GLY A 417 -2.05 -1.86 -26.12
CA GLY A 417 -2.19 -3.08 -26.90
C GLY A 417 -3.13 -4.06 -26.22
N ASP A 418 -3.03 -5.36 -26.58
CA ASP A 418 -3.86 -6.40 -25.98
C ASP A 418 -3.17 -7.11 -24.82
N ALA A 419 -1.91 -6.75 -24.53
CA ALA A 419 -1.22 -7.21 -23.34
C ALA A 419 -0.08 -6.26 -23.01
N ILE A 420 0.51 -6.48 -21.82
CA ILE A 420 1.77 -5.86 -21.43
C ILE A 420 2.82 -6.31 -22.43
N SER A 421 3.49 -5.33 -23.05
CA SER A 421 4.59 -5.57 -23.99
C SER A 421 5.94 -5.29 -23.32
N VAL A 422 7.01 -5.93 -23.85
CA VAL A 422 8.35 -5.85 -23.29
C VAL A 422 9.10 -4.57 -23.74
N MET A 423 8.53 -3.81 -24.69
CA MET A 423 9.17 -2.60 -25.20
C MET A 423 9.31 -1.53 -24.12
N VAL A 424 10.18 -0.54 -24.39
CA VAL A 424 10.49 0.53 -23.47
C VAL A 424 9.26 1.44 -23.37
N PRO A 425 8.55 1.46 -22.21
CA PRO A 425 7.24 2.10 -22.15
C PRO A 425 7.32 3.62 -22.03
N ASP A 426 6.25 4.27 -22.50
CA ASP A 426 6.03 5.70 -22.29
C ASP A 426 5.33 5.87 -20.94
N VAL A 427 5.16 7.13 -20.52
CA VAL A 427 4.50 7.45 -19.27
C VAL A 427 3.13 8.04 -19.60
N TYR A 428 2.08 7.43 -19.03
CA TYR A 428 0.70 7.85 -19.25
C TYR A 428 0.10 8.39 -17.95
N ILE A 429 -0.85 9.34 -18.10
CA ILE A 429 -1.51 10.00 -16.98
C ILE A 429 -3.03 9.98 -17.15
N SER A 430 -3.73 9.90 -16.00
CA SER A 430 -5.17 10.09 -15.88
C SER A 430 -5.42 11.26 -14.94
N ASP A 431 -6.52 11.99 -15.19
CA ASP A 431 -6.96 13.08 -14.32
C ASP A 431 -8.34 12.81 -13.71
N ASP A 432 -8.85 11.57 -13.83
CA ASP A 432 -10.21 11.24 -13.43
C ASP A 432 -10.33 9.85 -12.79
N GLY A 433 -9.22 9.35 -12.21
CA GLY A 433 -9.17 8.03 -11.58
C GLY A 433 -9.17 6.86 -12.55
N GLY A 434 -8.63 7.05 -13.76
CA GLY A 434 -8.32 5.95 -14.67
C GLY A 434 -9.48 5.54 -15.59
N TYR A 435 -10.49 6.40 -15.76
CA TYR A 435 -11.51 6.19 -16.79
C TYR A 435 -10.92 6.49 -18.17
N SER A 436 -10.26 7.65 -18.29
CA SER A 436 -9.58 8.10 -19.50
C SER A 436 -8.10 8.35 -19.20
N TRP A 437 -7.25 8.19 -20.24
CA TRP A 437 -5.79 8.34 -20.14
C TRP A 437 -5.21 9.15 -21.29
N THR A 438 -3.95 9.57 -21.12
CA THR A 438 -3.18 10.19 -22.18
C THR A 438 -1.68 10.02 -21.92
N LYS A 439 -0.89 9.95 -23.00
CA LYS A 439 0.56 9.95 -22.94
C LYS A 439 1.08 11.27 -22.37
N MET A 440 1.73 11.18 -21.20
CA MET A 440 2.22 12.34 -20.47
C MET A 440 3.61 12.73 -21.00
N LEU A 441 4.51 11.74 -21.07
CA LEU A 441 5.88 11.91 -21.54
C LEU A 441 6.30 10.68 -22.34
N GLU A 442 7.04 10.91 -23.43
CA GLU A 442 7.57 9.85 -24.28
C GLU A 442 8.79 9.26 -23.59
N GLY A 443 8.82 7.93 -23.43
CA GLY A 443 9.90 7.22 -22.74
C GLY A 443 9.81 7.27 -21.21
N PRO A 444 10.58 6.40 -20.50
CA PRO A 444 10.46 6.24 -19.05
C PRO A 444 11.04 7.42 -18.28
N HIS A 445 10.28 7.83 -17.26
CA HIS A 445 10.70 8.86 -16.31
C HIS A 445 10.43 8.42 -14.87
N TYR A 446 11.05 9.14 -13.93
CA TYR A 446 10.69 9.15 -12.52
C TYR A 446 9.82 10.38 -12.29
N TYR A 447 8.83 10.29 -11.38
CA TYR A 447 7.84 11.35 -11.19
C TYR A 447 7.41 11.50 -9.72
N THR A 448 7.04 12.74 -9.35
CA THR A 448 6.57 13.11 -8.02
C THR A 448 5.50 14.19 -8.14
N ILE A 449 4.39 14.03 -7.40
CA ILE A 449 3.35 15.04 -7.29
C ILE A 449 3.67 15.92 -6.09
N LEU A 450 3.50 17.24 -6.27
CA LEU A 450 3.81 18.26 -5.26
C LEU A 450 2.63 19.21 -5.14
N ASP A 451 2.38 19.66 -3.91
CA ASP A 451 1.32 20.61 -3.58
C ASP A 451 -0.02 20.15 -4.15
N SER A 452 -0.40 18.90 -3.85
CA SER A 452 -1.74 18.37 -4.09
C SER A 452 -2.19 18.53 -5.54
N GLY A 453 -1.26 18.33 -6.50
CA GLY A 453 -1.53 18.43 -7.92
C GLY A 453 -1.31 19.81 -8.53
N GLY A 454 -0.67 20.72 -7.78
CA GLY A 454 -0.33 22.05 -8.28
C GLY A 454 0.79 21.96 -9.30
N ILE A 455 1.85 21.21 -8.94
CA ILE A 455 3.03 20.97 -9.78
C ILE A 455 3.31 19.46 -9.79
N ILE A 456 3.26 18.83 -10.99
CA ILE A 456 3.89 17.54 -11.24
C ILE A 456 5.32 17.79 -11.73
N VAL A 457 6.25 16.92 -11.33
CA VAL A 457 7.67 17.06 -11.64
C VAL A 457 8.18 15.71 -12.16
N ALA A 458 9.14 15.74 -13.11
CA ALA A 458 9.66 14.52 -13.77
C ALA A 458 11.14 14.59 -14.18
N ILE A 459 11.84 13.45 -14.02
CA ILE A 459 13.24 13.24 -14.39
C ILE A 459 13.31 12.05 -15.34
N GLU A 460 14.09 12.16 -16.43
CA GLU A 460 14.24 11.08 -17.40
C GLU A 460 15.10 9.95 -16.82
N HIS A 461 14.75 8.71 -17.19
CA HIS A 461 15.56 7.54 -16.92
C HIS A 461 16.44 7.33 -18.15
N SER A 462 17.75 7.52 -17.99
CA SER A 462 18.73 7.40 -19.07
C SER A 462 19.94 6.58 -18.61
N SER A 463 20.55 5.87 -19.57
CA SER A 463 21.80 5.12 -19.34
C SER A 463 22.94 6.07 -18.96
N ARG A 464 22.98 7.24 -19.62
CA ARG A 464 24.02 8.26 -19.44
C ARG A 464 23.50 9.37 -18.51
N PRO A 465 24.37 10.25 -17.94
CA PRO A 465 23.94 11.21 -16.93
C PRO A 465 23.12 12.38 -17.47
N ILE A 466 22.55 13.17 -16.56
CA ILE A 466 21.54 14.19 -16.86
C ILE A 466 21.75 15.44 -15.99
N ASN A 467 21.12 16.56 -16.43
CA ASN A 467 21.23 17.85 -15.75
C ASN A 467 19.93 18.68 -15.73
N VAL A 468 18.79 18.10 -16.18
CA VAL A 468 17.53 18.82 -16.38
C VAL A 468 16.39 18.15 -15.62
N ILE A 469 15.35 18.94 -15.32
CA ILE A 469 14.13 18.48 -14.67
C ILE A 469 12.92 19.10 -15.37
N LYS A 470 11.89 18.26 -15.61
CA LYS A 470 10.68 18.66 -16.31
C LYS A 470 9.61 18.94 -15.26
N PHE A 471 8.81 19.99 -15.45
CA PHE A 471 7.68 20.28 -14.55
C PHE A 471 6.43 20.76 -15.31
N SER A 472 5.25 20.44 -14.75
CA SER A 472 3.96 20.75 -15.33
C SER A 472 3.01 21.32 -14.28
N THR A 473 2.58 22.57 -14.47
CA THR A 473 1.61 23.25 -13.61
C THR A 473 0.16 22.86 -13.91
N ASP A 474 -0.09 22.32 -15.12
CA ASP A 474 -1.44 22.02 -15.61
C ASP A 474 -1.70 20.51 -15.69
N GLU A 475 -1.13 19.75 -14.73
CA GLU A 475 -1.45 18.34 -14.50
C GLU A 475 -1.15 17.48 -15.74
N GLY A 476 0.09 17.60 -16.25
CA GLY A 476 0.64 16.71 -17.27
C GLY A 476 0.38 17.11 -18.72
N GLN A 477 -0.41 18.17 -18.96
CA GLN A 477 -0.80 18.54 -20.32
C GLN A 477 0.31 19.32 -21.04
N CYS A 478 1.09 20.12 -20.30
CA CYS A 478 2.19 20.90 -20.86
C CYS A 478 3.40 20.93 -19.92
N TRP A 479 4.57 20.55 -20.46
CA TRP A 479 5.81 20.42 -19.69
C TRP A 479 6.79 21.55 -20.01
N GLN A 480 7.63 21.86 -19.00
CA GLN A 480 8.61 22.93 -19.06
C GLN A 480 9.96 22.38 -18.55
N THR A 481 11.00 22.46 -19.40
CA THR A 481 12.34 21.97 -19.06
C THR A 481 13.15 23.06 -18.35
N TYR A 482 13.94 22.66 -17.33
CA TYR A 482 14.84 23.55 -16.61
C TYR A 482 16.14 22.82 -16.22
N THR A 483 17.29 23.40 -16.61
CA THR A 483 18.60 22.86 -16.25
C THR A 483 18.98 23.23 -14.81
N PHE A 484 19.09 22.23 -13.93
CA PHE A 484 19.33 22.42 -12.50
C PHE A 484 20.81 22.30 -12.11
N THR A 485 21.71 21.99 -13.07
CA THR A 485 23.13 21.82 -12.77
C THR A 485 24.00 21.98 -14.02
N ARG A 486 25.21 22.52 -13.84
CA ARG A 486 26.20 22.63 -14.89
C ARG A 486 26.91 21.28 -15.07
N ASP A 487 27.55 20.82 -13.98
CA ASP A 487 28.27 19.54 -13.98
C ASP A 487 27.27 18.41 -13.74
N PRO A 488 26.88 17.60 -14.78
CA PRO A 488 25.74 16.68 -14.64
C PRO A 488 25.99 15.49 -13.71
N ILE A 489 24.89 14.78 -13.34
CA ILE A 489 24.92 13.66 -12.41
C ILE A 489 24.26 12.41 -12.99
N TYR A 490 24.74 11.24 -12.54
CA TYR A 490 24.09 9.96 -12.74
C TYR A 490 22.97 9.80 -11.72
N PHE A 491 21.72 10.02 -12.18
CA PHE A 491 20.54 10.09 -11.31
C PHE A 491 20.23 8.74 -10.66
N THR A 492 19.83 8.77 -9.37
CA THR A 492 19.45 7.57 -8.61
C THR A 492 18.01 7.59 -8.08
N GLY A 493 17.53 8.74 -7.59
CA GLY A 493 16.15 8.82 -7.12
C GLY A 493 15.70 10.21 -6.71
N LEU A 494 14.37 10.36 -6.57
CA LEU A 494 13.74 11.55 -6.02
C LEU A 494 13.39 11.30 -4.56
N ALA A 495 13.32 12.38 -3.78
CA ALA A 495 12.81 12.37 -2.41
C ALA A 495 11.97 13.64 -2.19
N SER A 496 10.70 13.44 -1.79
CA SER A 496 9.82 14.53 -1.39
C SER A 496 9.30 14.24 0.01
N GLU A 497 8.70 15.26 0.63
CA GLU A 497 8.07 15.11 1.94
C GLU A 497 6.80 14.28 1.75
N PRO A 498 6.64 13.13 2.48
CA PRO A 498 5.41 12.36 2.42
C PRO A 498 4.16 13.18 2.74
N GLY A 499 3.07 12.88 2.01
CA GLY A 499 1.87 13.71 2.03
C GLY A 499 1.65 14.46 0.73
N ALA A 500 2.74 14.78 0.01
CA ALA A 500 2.72 15.43 -1.30
C ALA A 500 2.06 16.82 -1.25
N ARG A 501 2.34 17.55 -0.15
CA ARG A 501 1.85 18.90 0.09
C ARG A 501 2.95 19.96 -0.08
N SER A 502 4.24 19.55 0.04
CA SER A 502 5.39 20.44 -0.11
C SER A 502 5.62 20.86 -1.56
N MET A 503 6.60 21.76 -1.74
CA MET A 503 7.09 22.17 -3.05
C MET A 503 8.62 22.10 -3.07
N ASN A 504 9.18 21.07 -2.39
CA ASN A 504 10.61 20.92 -2.18
C ASN A 504 11.06 19.51 -2.59
N ILE A 505 11.25 19.32 -3.90
CA ILE A 505 11.83 18.11 -4.47
C ILE A 505 13.34 18.09 -4.22
N SER A 506 13.89 16.87 -3.97
CA SER A 506 15.32 16.62 -3.81
C SER A 506 15.79 15.64 -4.87
N ILE A 507 16.68 16.08 -5.79
CA ILE A 507 17.15 15.28 -6.93
C ILE A 507 18.49 14.65 -6.56
N TRP A 508 18.52 13.31 -6.37
CA TRP A 508 19.72 12.59 -5.94
C TRP A 508 20.42 11.86 -7.08
N GLY A 509 21.76 11.85 -6.99
CA GLY A 509 22.60 11.08 -7.90
C GLY A 509 24.08 11.13 -7.48
N PHE A 510 24.98 10.83 -8.43
CA PHE A 510 26.41 10.97 -8.24
C PHE A 510 27.12 11.43 -9.51
N THR A 511 28.37 11.91 -9.34
CA THR A 511 29.16 12.51 -10.40
C THR A 511 29.80 11.44 -11.30
N GLU A 512 30.28 11.85 -12.48
CA GLU A 512 30.80 10.95 -13.51
C GLU A 512 32.17 10.36 -13.11
N SER A 513 32.35 9.07 -13.45
CA SER A 513 33.46 8.26 -12.96
C SER A 513 34.73 8.55 -13.77
N THR A 516 37.27 9.95 -8.41
CA THR A 516 36.40 9.05 -9.23
C THR A 516 34.95 9.54 -9.18
N SER A 517 34.23 9.31 -8.06
CA SER A 517 32.80 9.64 -7.94
C SER A 517 32.39 9.93 -6.49
N GLN A 518 31.28 10.68 -6.33
CA GLN A 518 30.70 10.94 -5.01
C GLN A 518 29.24 11.42 -5.06
N TRP A 519 28.53 11.27 -3.92
CA TRP A 519 27.11 11.56 -3.79
C TRP A 519 26.82 13.06 -3.72
N VAL A 520 25.56 13.43 -4.06
CA VAL A 520 25.14 14.82 -4.23
C VAL A 520 23.59 14.90 -4.27
N SER A 521 23.02 16.08 -3.93
CA SER A 521 21.57 16.32 -3.93
C SER A 521 21.14 17.77 -4.21
N TYR A 522 20.64 18.02 -5.44
CA TYR A 522 20.15 19.33 -5.85
C TYR A 522 18.66 19.46 -5.48
N THR A 523 18.36 20.35 -4.54
CA THR A 523 17.02 20.53 -3.97
C THR A 523 16.42 21.85 -4.45
N ILE A 524 15.23 21.79 -5.07
CA ILE A 524 14.59 22.95 -5.71
C ILE A 524 13.27 23.26 -4.99
N ASP A 525 13.16 24.51 -4.50
CA ASP A 525 11.88 25.09 -4.09
C ASP A 525 11.19 25.70 -5.31
N PHE A 526 9.85 25.53 -5.39
CA PHE A 526 9.04 26.11 -6.45
C PHE A 526 8.16 27.27 -5.95
N LYS A 527 8.57 27.94 -4.86
CA LYS A 527 7.80 29.00 -4.23
C LYS A 527 7.52 30.15 -5.21
N ASP A 528 8.57 30.57 -5.93
CA ASP A 528 8.50 31.73 -6.82
C ASP A 528 7.84 31.42 -8.16
N ILE A 529 7.69 30.13 -8.52
CA ILE A 529 6.99 29.73 -9.74
C ILE A 529 5.48 29.91 -9.55
N LEU A 530 4.92 29.25 -8.51
CA LEU A 530 3.53 29.48 -8.09
C LEU A 530 3.55 30.63 -7.09
N GLU A 531 3.72 31.85 -7.62
CA GLU A 531 3.98 33.06 -6.84
C GLU A 531 2.81 33.40 -5.90
N ARG A 532 1.56 33.25 -6.37
CA ARG A 532 0.36 33.50 -5.58
C ARG A 532 -0.24 32.20 -5.03
N ASN A 533 -1.06 32.37 -3.97
CA ASN A 533 -1.92 31.32 -3.43
C ASN A 533 -3.22 31.28 -4.25
N CYS A 534 -3.99 30.19 -4.15
CA CYS A 534 -5.20 30.06 -5.01
C CYS A 534 -6.38 30.78 -4.37
N GLU A 535 -7.49 30.87 -5.12
CA GLU A 535 -8.66 31.66 -4.66
C GLU A 535 -9.97 30.93 -4.98
N GLU A 536 -11.09 31.46 -4.51
CA GLU A 536 -12.43 30.85 -4.73
C GLU A 536 -12.80 30.90 -6.21
N LYS A 537 -11.95 31.51 -7.04
CA LYS A 537 -12.21 31.54 -8.48
C LYS A 537 -11.44 30.44 -9.24
N ASP A 538 -10.26 30.03 -8.72
CA ASP A 538 -9.40 29.04 -9.36
C ASP A 538 -10.02 27.64 -9.41
N TYR A 539 -10.85 27.29 -8.42
CA TYR A 539 -11.43 25.96 -8.32
C TYR A 539 -12.73 25.87 -9.12
N THR A 540 -12.98 24.67 -9.69
CA THR A 540 -14.18 24.37 -10.47
C THR A 540 -14.86 23.09 -9.95
N ILE A 541 -16.15 22.97 -10.29
CA ILE A 541 -16.97 21.84 -9.88
C ILE A 541 -16.60 20.65 -10.78
N TRP A 542 -16.36 19.50 -10.15
CA TRP A 542 -16.04 18.27 -10.87
C TRP A 542 -16.74 17.10 -10.19
N LEU A 543 -17.60 16.41 -10.97
CA LEU A 543 -18.24 15.19 -10.51
C LEU A 543 -17.27 14.02 -10.64
N ALA A 544 -17.24 13.17 -9.60
CA ALA A 544 -16.48 11.92 -9.64
C ALA A 544 -17.34 10.84 -10.30
N HIS A 545 -16.67 9.98 -11.09
CA HIS A 545 -17.25 8.78 -11.71
C HIS A 545 -18.37 9.10 -12.72
N SER A 546 -18.16 10.11 -13.57
CA SER A 546 -19.16 10.54 -14.54
C SER A 546 -19.23 9.60 -15.74
N THR A 547 -20.25 8.72 -15.76
CA THR A 547 -20.50 7.79 -16.86
C THR A 547 -21.25 8.52 -17.98
N ASP A 548 -22.45 9.03 -17.64
CA ASP A 548 -23.40 9.60 -18.58
C ASP A 548 -24.22 10.66 -17.84
N PRO A 549 -23.97 11.99 -18.06
CA PRO A 549 -24.70 13.04 -17.33
C PRO A 549 -26.22 13.09 -17.53
N GLU A 550 -26.72 12.61 -18.68
CA GLU A 550 -28.14 12.53 -18.99
C GLU A 550 -28.90 11.61 -18.01
N ASP A 551 -28.22 10.62 -17.42
CA ASP A 551 -28.79 9.77 -16.38
C ASP A 551 -28.87 10.53 -15.05
N TYR A 552 -29.98 10.31 -14.33
CA TYR A 552 -30.23 10.87 -13.01
C TYR A 552 -29.24 10.35 -11.97
N GLU A 553 -28.81 9.09 -12.10
CA GLU A 553 -27.98 8.40 -11.12
C GLU A 553 -26.51 8.33 -11.57
N ASP A 554 -26.02 9.40 -12.22
CA ASP A 554 -24.66 9.47 -12.71
C ASP A 554 -23.70 9.71 -11.54
N GLY A 555 -22.66 8.87 -11.46
CA GLY A 555 -21.66 8.99 -10.40
C GLY A 555 -21.98 8.21 -9.13
N CYS A 556 -23.06 7.41 -9.12
CA CYS A 556 -23.43 6.63 -7.96
C CYS A 556 -22.56 5.36 -7.88
N ILE A 557 -21.40 5.50 -7.22
CA ILE A 557 -20.57 4.37 -6.81
C ILE A 557 -20.84 4.11 -5.33
N LEU A 558 -21.04 2.84 -4.97
CA LEU A 558 -21.34 2.40 -3.61
C LEU A 558 -22.48 3.22 -2.98
N GLY A 559 -23.51 3.47 -3.79
CA GLY A 559 -24.72 4.16 -3.35
C GLY A 559 -24.59 5.67 -3.08
N TYR A 560 -23.51 6.34 -3.53
CA TYR A 560 -23.47 7.80 -3.46
C TYR A 560 -22.53 8.46 -4.47
N LYS A 561 -22.76 9.76 -4.72
CA LYS A 561 -21.96 10.60 -5.60
C LYS A 561 -21.07 11.48 -4.73
N GLU A 562 -19.98 11.97 -5.32
CA GLU A 562 -19.15 13.01 -4.71
C GLU A 562 -18.82 14.04 -5.79
N GLN A 563 -19.01 15.33 -5.47
CA GLN A 563 -18.65 16.43 -6.35
C GLN A 563 -17.56 17.25 -5.66
N PHE A 564 -16.46 17.45 -6.39
CA PHE A 564 -15.24 18.05 -5.86
C PHE A 564 -15.09 19.47 -6.37
N LEU A 565 -14.54 20.34 -5.51
CA LEU A 565 -13.86 21.54 -5.96
C LEU A 565 -12.45 21.12 -6.35
N ARG A 566 -12.08 21.39 -7.61
CA ARG A 566 -10.80 20.99 -8.17
C ARG A 566 -10.10 22.18 -8.82
N LEU A 567 -8.78 22.24 -8.61
CA LEU A 567 -7.88 23.23 -9.21
C LEU A 567 -7.98 23.19 -10.73
N ARG A 568 -8.14 24.37 -11.35
CA ARG A 568 -8.15 24.50 -12.80
C ARG A 568 -6.76 24.18 -13.36
N LYS A 569 -6.74 23.60 -14.55
CA LYS A 569 -5.49 23.24 -15.22
C LYS A 569 -4.75 24.51 -15.62
N SER A 570 -5.47 25.40 -16.32
CA SER A 570 -5.00 26.71 -16.76
C SER A 570 -4.46 27.58 -15.62
N SER A 571 -5.16 27.53 -14.46
CA SER A 571 -4.78 28.31 -13.28
C SER A 571 -3.46 27.84 -12.66
N VAL A 572 -2.71 28.82 -12.11
CA VAL A 572 -1.34 28.67 -11.65
C VAL A 572 -1.22 29.29 -10.25
N CYS A 573 -1.17 28.44 -9.22
CA CYS A 573 -1.18 28.90 -7.85
C CYS A 573 -0.87 27.75 -6.88
N GLN A 574 -0.47 28.12 -5.65
CA GLN A 574 -0.26 27.18 -4.56
C GLN A 574 -1.61 26.86 -3.91
N ASN A 575 -1.96 25.56 -3.86
CA ASN A 575 -3.09 25.07 -3.08
C ASN A 575 -2.83 25.30 -1.58
N GLY A 576 -1.63 24.93 -1.14
CA GLY A 576 -1.14 25.22 0.20
C GLY A 576 -0.98 23.94 1.02
N ARG A 577 -0.13 24.02 2.05
CA ARG A 577 0.11 22.92 2.98
C ARG A 577 -1.14 22.57 3.79
N ASP A 578 -2.01 23.57 4.03
CA ASP A 578 -3.30 23.34 4.68
C ASP A 578 -4.41 23.48 3.64
N TYR A 579 -4.35 22.63 2.60
CA TYR A 579 -5.37 22.52 1.57
C TYR A 579 -6.30 21.36 1.90
N VAL A 580 -7.53 21.68 2.31
CA VAL A 580 -8.58 20.69 2.49
C VAL A 580 -9.16 20.36 1.12
N VAL A 581 -9.25 19.07 0.80
CA VAL A 581 -9.90 18.60 -0.41
C VAL A 581 -11.39 18.79 -0.20
N THR A 582 -11.95 19.77 -0.89
CA THR A 582 -13.36 20.13 -0.73
C THR A 582 -14.21 19.26 -1.64
N LYS A 583 -15.08 18.46 -1.01
CA LYS A 583 -16.08 17.65 -1.71
C LYS A 583 -17.41 17.70 -0.96
N GLN A 584 -18.49 17.28 -1.63
CA GLN A 584 -19.79 17.13 -1.01
C GLN A 584 -20.50 15.88 -1.54
N PRO A 585 -20.99 14.97 -0.65
CA PRO A 585 -21.72 13.79 -1.10
C PRO A 585 -23.13 14.08 -1.63
N SER A 586 -23.66 13.16 -2.44
CA SER A 586 -25.06 13.09 -2.82
C SER A 586 -25.50 11.63 -2.69
N ILE A 587 -26.39 11.31 -1.74
CA ILE A 587 -26.76 9.93 -1.42
C ILE A 587 -27.84 9.44 -2.38
N CYS A 588 -27.49 8.43 -3.20
CA CYS A 588 -28.37 7.88 -4.23
C CYS A 588 -29.36 6.89 -3.58
N LEU A 589 -30.37 6.50 -4.37
CA LEU A 589 -31.33 5.49 -3.94
C LEU A 589 -30.71 4.11 -4.05
N CYS A 590 -31.15 3.21 -3.18
CA CYS A 590 -30.72 1.81 -3.21
C CYS A 590 -31.46 1.05 -4.32
N SER A 591 -30.69 0.50 -5.27
CA SER A 591 -31.16 -0.52 -6.19
C SER A 591 -30.77 -1.89 -5.65
N LEU A 592 -31.03 -2.97 -6.41
CA LEU A 592 -30.59 -4.31 -6.06
C LEU A 592 -29.06 -4.43 -6.19
N GLU A 593 -28.45 -3.61 -7.06
CA GLU A 593 -27.00 -3.60 -7.31
C GLU A 593 -26.17 -3.19 -6.09
N ASP A 594 -26.75 -2.40 -5.16
CA ASP A 594 -26.07 -2.00 -3.93
C ASP A 594 -25.98 -3.15 -2.91
N PHE A 595 -26.75 -4.22 -3.12
CA PHE A 595 -26.69 -5.43 -2.31
C PHE A 595 -25.89 -6.52 -3.01
N LEU A 596 -24.94 -7.13 -2.27
CA LEU A 596 -24.32 -8.38 -2.67
C LEU A 596 -25.15 -9.56 -2.14
N CYS A 597 -25.00 -10.72 -2.81
CA CYS A 597 -25.66 -11.95 -2.40
C CYS A 597 -24.94 -12.53 -1.18
N ASP A 598 -25.70 -12.83 -0.12
CA ASP A 598 -25.20 -13.55 1.06
C ASP A 598 -24.90 -15.00 0.69
N PHE A 599 -24.38 -15.79 1.64
CA PHE A 599 -24.03 -17.18 1.41
C PHE A 599 -25.23 -18.03 0.97
N GLY A 600 -25.00 -18.87 -0.06
CA GLY A 600 -25.99 -19.82 -0.53
C GLY A 600 -26.79 -19.37 -1.76
N TYR A 601 -26.62 -18.11 -2.17
CA TYR A 601 -27.39 -17.52 -3.27
C TYR A 601 -26.43 -16.99 -4.34
N TYR A 602 -26.98 -16.73 -5.55
CA TYR A 602 -26.19 -16.25 -6.68
C TYR A 602 -27.05 -15.54 -7.73
N ARG A 603 -26.38 -14.98 -8.76
CA ARG A 603 -27.00 -14.32 -9.90
C ARG A 603 -26.81 -15.17 -11.16
N PRO A 604 -27.84 -15.91 -11.64
CA PRO A 604 -27.71 -16.70 -12.87
C PRO A 604 -27.70 -15.83 -14.12
N GLU A 605 -28.76 -15.01 -14.27
CA GLU A 605 -28.86 -14.03 -15.33
C GLU A 605 -28.04 -12.79 -14.95
N ASN A 606 -27.41 -12.17 -15.96
CA ASN A 606 -26.67 -10.93 -15.77
C ASN A 606 -27.66 -9.78 -15.54
N ASP A 607 -27.46 -9.07 -14.42
CA ASP A 607 -28.39 -8.06 -13.90
C ASP A 607 -29.73 -8.71 -13.56
N SER A 608 -29.80 -9.35 -12.38
CA SER A 608 -31.02 -10.01 -11.91
C SER A 608 -30.99 -10.15 -10.38
N LYS A 609 -31.95 -10.92 -9.81
CA LYS A 609 -32.10 -11.06 -8.37
C LYS A 609 -31.14 -12.12 -7.81
N CYS A 610 -30.68 -11.97 -6.56
CA CYS A 610 -30.00 -13.05 -5.82
C CYS A 610 -30.99 -14.18 -5.49
N VAL A 611 -30.72 -15.38 -6.03
CA VAL A 611 -31.53 -16.59 -5.85
C VAL A 611 -30.66 -17.75 -5.36
N GLU A 612 -31.24 -18.69 -4.60
CA GLU A 612 -30.53 -19.85 -4.03
C GLU A 612 -29.81 -20.67 -5.11
N GLN A 613 -28.54 -21.04 -4.85
CA GLN A 613 -27.84 -22.06 -5.63
C GLN A 613 -28.33 -23.43 -5.15
N PRO A 614 -28.73 -24.36 -6.05
CA PRO A 614 -29.29 -25.64 -5.62
C PRO A 614 -28.25 -26.61 -5.05
N GLU A 615 -27.09 -26.72 -5.72
CA GLU A 615 -25.98 -27.57 -5.28
C GLU A 615 -24.87 -26.71 -4.65
N LEU A 616 -24.86 -26.65 -3.31
CA LEU A 616 -23.74 -26.09 -2.56
C LEU A 616 -22.61 -27.12 -2.53
N LYS A 617 -21.52 -26.81 -3.25
CA LYS A 617 -20.38 -27.71 -3.39
C LYS A 617 -19.10 -27.02 -2.94
N GLY A 618 -18.05 -27.82 -2.72
CA GLY A 618 -16.75 -27.32 -2.35
C GLY A 618 -16.77 -26.66 -0.97
N HIS A 619 -16.06 -25.53 -0.84
CA HIS A 619 -15.96 -24.81 0.41
C HIS A 619 -17.27 -24.12 0.82
N ASP A 620 -18.25 -24.03 -0.11
CA ASP A 620 -19.60 -23.65 0.24
C ASP A 620 -20.20 -24.72 1.16
N LEU A 621 -20.14 -25.98 0.75
CA LEU A 621 -20.61 -27.10 1.57
C LEU A 621 -19.87 -27.18 2.90
N GLU A 622 -18.55 -26.91 2.92
CA GLU A 622 -17.75 -26.91 4.14
C GLU A 622 -18.26 -25.88 5.16
N PHE A 623 -18.60 -24.67 4.68
CA PHE A 623 -19.10 -23.58 5.52
C PHE A 623 -20.48 -23.89 6.10
N CYS A 624 -21.39 -24.37 5.24
CA CYS A 624 -22.77 -24.71 5.60
C CYS A 624 -22.86 -25.84 6.63
N LEU A 625 -21.88 -26.75 6.61
CA LEU A 625 -21.70 -27.75 7.66
C LEU A 625 -20.93 -27.11 8.82
N TYR A 626 -19.60 -26.93 8.66
CA TYR A 626 -18.74 -26.39 9.69
C TYR A 626 -18.88 -24.86 9.66
N GLY A 627 -19.63 -24.27 10.59
CA GLY A 627 -19.87 -22.84 10.58
C GLY A 627 -20.67 -22.36 11.79
N ARG A 628 -21.44 -21.29 11.57
CA ARG A 628 -22.32 -20.69 12.58
C ARG A 628 -23.66 -20.35 11.95
N GLU A 629 -24.76 -20.63 12.67
CA GLU A 629 -26.14 -20.50 12.19
C GLU A 629 -26.50 -19.04 11.87
N GLU A 630 -25.85 -18.09 12.57
CA GLU A 630 -26.09 -16.66 12.40
C GLU A 630 -25.78 -16.21 10.96
N HIS A 631 -24.57 -16.56 10.48
CA HIS A 631 -24.13 -16.24 9.13
C HIS A 631 -24.84 -17.13 8.09
N LEU A 632 -25.22 -18.36 8.49
CA LEU A 632 -25.81 -19.35 7.61
C LEU A 632 -27.31 -19.12 7.34
N THR A 633 -28.04 -18.49 8.26
CA THR A 633 -29.43 -18.06 8.03
C THR A 633 -29.46 -16.64 7.45
N THR A 634 -30.26 -16.43 6.37
CA THR A 634 -30.26 -15.18 5.60
C THR A 634 -31.36 -15.12 4.54
N ASN A 635 -31.77 -13.89 4.18
CA ASN A 635 -32.73 -13.63 3.10
C ASN A 635 -32.06 -13.55 1.71
N GLY A 636 -30.76 -13.88 1.60
CA GLY A 636 -30.06 -13.96 0.32
C GLY A 636 -29.47 -12.63 -0.18
N TYR A 637 -29.43 -11.62 0.71
CA TYR A 637 -28.97 -10.28 0.38
C TYR A 637 -28.25 -9.66 1.58
N ARG A 638 -27.13 -8.98 1.30
CA ARG A 638 -26.47 -8.10 2.25
C ARG A 638 -25.97 -6.84 1.54
N LYS A 639 -25.99 -5.70 2.24
CA LYS A 639 -25.50 -4.44 1.71
C LYS A 639 -24.00 -4.55 1.45
N ILE A 640 -23.56 -4.05 0.28
CA ILE A 640 -22.15 -3.90 -0.05
C ILE A 640 -21.45 -3.17 1.10
N PRO A 641 -20.23 -3.61 1.54
CA PRO A 641 -19.51 -2.89 2.58
C PRO A 641 -19.06 -1.53 2.06
N GLY A 642 -19.24 -0.50 2.89
CA GLY A 642 -18.96 0.88 2.52
C GLY A 642 -20.03 1.53 1.62
N ASP A 643 -21.14 0.82 1.33
CA ASP A 643 -22.19 1.33 0.48
C ASP A 643 -23.15 2.11 1.37
N LYS A 644 -23.29 3.40 1.08
CA LYS A 644 -24.01 4.31 1.95
C LYS A 644 -25.19 4.93 1.21
N CYS A 645 -26.01 4.08 0.56
CA CYS A 645 -27.26 4.52 -0.05
C CYS A 645 -28.34 4.70 1.02
N GLN A 646 -29.41 5.41 0.64
CA GLN A 646 -30.59 5.61 1.47
C GLN A 646 -31.83 5.28 0.64
N GLY A 647 -32.85 4.75 1.33
CA GLY A 647 -34.17 4.54 0.75
C GLY A 647 -34.16 3.45 -0.31
N GLY A 648 -34.92 3.66 -1.38
CA GLY A 648 -34.98 2.77 -2.53
C GLY A 648 -35.47 1.36 -2.17
N VAL A 649 -34.88 0.35 -2.83
CA VAL A 649 -35.22 -1.05 -2.61
C VAL A 649 -34.65 -1.53 -1.26
N ASN A 650 -35.46 -2.35 -0.57
CA ASN A 650 -35.06 -3.12 0.59
C ASN A 650 -35.50 -4.56 0.35
N PRO A 651 -34.67 -5.60 0.62
CA PRO A 651 -35.06 -6.98 0.35
C PRO A 651 -36.25 -7.46 1.19
N VAL A 652 -37.41 -7.58 0.53
CA VAL A 652 -38.65 -8.01 1.18
C VAL A 652 -38.64 -9.50 1.52
N ARG A 653 -37.81 -10.30 0.82
CA ARG A 653 -37.79 -11.76 0.92
C ARG A 653 -37.66 -12.29 2.36
N GLU A 654 -38.34 -13.43 2.62
CA GLU A 654 -38.37 -14.06 3.93
C GLU A 654 -37.06 -14.79 4.21
N VAL A 655 -36.63 -14.79 5.49
CA VAL A 655 -35.41 -15.45 5.93
C VAL A 655 -35.57 -16.98 5.82
N LYS A 656 -34.46 -17.68 5.52
CA LYS A 656 -34.43 -19.14 5.37
C LYS A 656 -33.12 -19.73 5.89
N ASP A 657 -33.22 -20.68 6.84
CA ASP A 657 -32.07 -21.32 7.46
C ASP A 657 -31.50 -22.38 6.52
N LEU A 658 -30.24 -22.21 6.10
CA LEU A 658 -29.61 -23.03 5.07
C LEU A 658 -28.87 -24.27 5.62
N LYS A 659 -28.65 -24.36 6.95
CA LYS A 659 -27.99 -25.51 7.56
C LYS A 659 -28.83 -26.78 7.38
N LYS A 660 -30.15 -26.64 7.54
CA LYS A 660 -31.05 -27.81 7.40
C LYS A 660 -30.90 -28.40 6.01
N LYS A 661 -30.94 -27.56 4.97
CA LYS A 661 -30.90 -28.11 3.58
C LYS A 661 -29.60 -28.89 3.40
N CYS A 662 -28.50 -28.42 4.00
CA CYS A 662 -27.19 -29.09 3.82
C CYS A 662 -27.20 -30.40 4.61
N THR A 663 -27.56 -30.34 5.88
CA THR A 663 -27.61 -31.50 6.76
C THR A 663 -28.73 -32.50 6.42
N SER A 664 -29.78 -32.05 5.71
CA SER A 664 -30.86 -32.91 5.20
C SER A 664 -30.34 -34.20 4.57
N ASN A 665 -29.29 -34.09 3.74
CA ASN A 665 -28.76 -35.19 2.96
C ASN A 665 -28.00 -36.21 3.81
N PHE A 666 -27.37 -35.77 4.91
CA PHE A 666 -26.62 -36.64 5.81
C PHE A 666 -27.56 -37.40 6.74
N LEU A 667 -27.32 -38.71 6.90
CA LEU A 667 -27.90 -39.45 8.01
C LEU A 667 -27.19 -39.00 9.28
N SER A 668 -27.96 -38.40 10.18
CA SER A 668 -27.38 -37.89 11.44
C SER A 668 -27.53 -38.94 12.55
N PRO A 669 -26.60 -39.01 13.52
CA PRO A 669 -26.73 -39.94 14.62
C PRO A 669 -27.97 -39.55 15.44
N GLU A 670 -28.70 -40.55 15.95
CA GLU A 670 -29.88 -40.27 16.80
C GLU A 670 -29.86 -38.82 17.26
N TRP B 3 21.50 3.24 -3.88
CA TRP B 3 20.61 4.28 -3.32
C TRP B 3 19.26 3.70 -2.92
N ASP B 4 18.89 3.86 -1.63
CA ASP B 4 17.64 3.38 -1.09
C ASP B 4 16.95 4.49 -0.31
N ALA B 5 15.63 4.60 -0.48
CA ALA B 5 14.78 5.48 0.32
C ALA B 5 13.56 4.68 0.78
N PRO B 6 13.65 3.92 1.90
CA PRO B 6 12.50 3.19 2.45
C PRO B 6 11.34 4.08 2.91
N LEU B 7 10.12 3.53 2.86
CA LEU B 7 8.88 4.28 3.11
C LEU B 7 8.70 4.56 4.62
N ALA B 11 3.39 -0.17 3.31
CA ALA B 11 2.31 -1.14 3.60
C ALA B 11 2.57 -2.47 2.88
N LEU B 12 3.18 -3.42 3.60
CA LEU B 12 3.38 -4.78 3.11
C LEU B 12 2.10 -5.60 3.30
N ARG B 13 1.95 -6.62 2.46
CA ARG B 13 0.76 -7.47 2.42
C ARG B 13 1.02 -8.69 3.31
N PRO B 14 0.32 -8.84 4.47
CA PRO B 14 0.57 -9.98 5.35
C PRO B 14 0.11 -11.30 4.75
N ILE B 15 1.03 -12.27 4.68
CA ILE B 15 0.83 -13.56 4.03
C ILE B 15 0.54 -14.61 5.10
N LEU B 16 -0.57 -15.36 4.91
CA LEU B 16 -0.98 -16.43 5.81
C LEU B 16 -1.05 -17.78 5.08
#